data_2GMX
#
_entry.id   2GMX
#
_cell.length_a   150.786
_cell.length_b   150.786
_cell.length_c   118.660
_cell.angle_alpha   90.00
_cell.angle_beta   90.00
_cell.angle_gamma   120.00
#
_symmetry.space_group_name_H-M   'P 32 2 1'
#
loop_
_entity.id
_entity.type
_entity.pdbx_description
1 polymer 'Mitogen-activated protein kinase 8'
2 polymer 'C-jun-amino-terminal kinase-interacting protein 1'
3 non-polymer 'SULFATE ION'
4 non-polymer N-(4-AMINO-5-CYANO-6-ETHOXYPYRIDIN-2-YL)-2-(4-BROMO-2,5-DIMETHOXYPHENYL)ACETAMIDE
#
loop_
_entity_poly.entity_id
_entity_poly.type
_entity_poly.pdbx_seq_one_letter_code
_entity_poly.pdbx_strand_id
1 'polypeptide(L)'
;MSRSKRDNNFYSVEIGDSTFTVLKRYQNLKPIGSGAQGIVCAAYDAILERNVAIKKLSRPFQNQTHAKRAYRELVLMKCV
NHKNIIGLLNVFTPQKSLEEFQDVYIVMELMDANLCQVIQMELDHERMSYLLYQMLCGIKHLHSAGIIHRDLKPSNIVVK
SDCTLKILDFGLARTAGTSFMMEPEVVTRYYRAPEVILGMGYKENVDLWSVGCIMGEMVCHKILFPGRDYIDQWNKVIEQ
LGTPCPEFMKKLQPTVRTYVENRPKYAGYSFEKLFPDVLFPADSEHNKLKASQARDLLSKMLVIDASKRISVDEALQHPY
INVWYDPSEAEAPPPKIPDKQLDEREHTIEEWKELIYKEVMDLEHHHHHH
;
A,B
2 'polypeptide(L)' RPKRPTTLNLF F,G
#
# COMPACT_ATOMS: atom_id res chain seq x y z
N ASN A 8 -6.86 -39.65 18.95
CA ASN A 8 -7.11 -41.11 18.79
C ASN A 8 -5.84 -41.89 18.45
N ASN A 9 -5.37 -41.72 17.22
CA ASN A 9 -4.18 -42.41 16.75
C ASN A 9 -2.99 -41.48 16.52
N PHE A 10 -3.17 -40.22 16.86
CA PHE A 10 -2.11 -39.22 16.72
C PHE A 10 -1.49 -39.10 18.10
N TYR A 11 -0.50 -38.25 18.26
CA TYR A 11 0.07 -38.08 19.60
C TYR A 11 0.53 -36.66 19.82
N SER A 12 0.46 -36.20 21.07
CA SER A 12 0.84 -34.84 21.40
C SER A 12 2.33 -34.65 21.65
N VAL A 13 3.02 -34.01 20.72
CA VAL A 13 4.46 -33.78 20.85
C VAL A 13 4.75 -32.35 21.34
N GLU A 14 5.14 -32.28 22.60
CA GLU A 14 5.46 -31.04 23.28
C GLU A 14 6.62 -30.30 22.60
N ILE A 15 6.31 -29.50 21.59
CA ILE A 15 7.35 -28.75 20.85
C ILE A 15 7.28 -27.23 21.01
N GLY A 16 8.27 -26.67 21.68
CA GLY A 16 8.32 -25.24 21.89
C GLY A 16 7.03 -24.68 22.47
N ASP A 17 6.20 -24.10 21.62
CA ASP A 17 4.93 -23.52 22.06
C ASP A 17 3.77 -24.43 21.67
N SER A 18 3.02 -24.06 20.64
CA SER A 18 1.91 -24.91 20.23
C SER A 18 2.42 -26.35 20.11
N THR A 19 1.69 -27.27 20.75
CA THR A 19 2.07 -28.68 20.76
C THR A 19 1.61 -29.41 19.50
N PHE A 20 2.46 -30.31 19.01
CA PHE A 20 2.19 -31.09 17.80
C PHE A 20 1.36 -32.34 18.00
N THR A 21 0.34 -32.52 17.16
CA THR A 21 -0.51 -33.68 17.20
C THR A 21 -0.44 -34.32 15.82
N VAL A 22 0.63 -35.05 15.60
CA VAL A 22 0.87 -35.72 14.34
C VAL A 22 0.61 -37.21 14.50
N LEU A 23 0.47 -37.90 13.37
CA LEU A 23 0.23 -39.34 13.36
C LEU A 23 1.40 -39.99 14.09
N LYS A 24 1.24 -41.25 14.46
CA LYS A 24 2.31 -41.97 15.14
C LYS A 24 3.39 -42.33 14.12
N ARG A 25 3.03 -42.17 12.84
CA ARG A 25 3.94 -42.43 11.72
C ARG A 25 5.19 -41.60 12.00
N TYR A 26 4.96 -40.36 12.43
CA TYR A 26 6.02 -39.39 12.71
C TYR A 26 6.37 -39.38 14.18
N GLN A 27 7.60 -39.79 14.48
CA GLN A 27 8.06 -39.85 15.85
C GLN A 27 9.43 -39.20 16.02
N ASN A 28 9.72 -38.77 17.25
CA ASN A 28 11.00 -38.14 17.55
C ASN A 28 11.08 -36.80 16.82
N LEU A 29 10.27 -35.83 17.26
CA LEU A 29 10.22 -34.50 16.65
C LEU A 29 11.16 -33.45 17.25
N LYS A 30 12.05 -32.91 16.42
CA LYS A 30 12.98 -31.88 16.85
C LYS A 30 12.68 -30.66 15.96
N PRO A 31 12.95 -29.45 16.45
CA PRO A 31 12.69 -28.23 15.67
C PRO A 31 13.84 -27.90 14.71
N ILE A 32 13.49 -27.51 13.49
CA ILE A 32 14.50 -27.15 12.51
C ILE A 32 14.31 -25.69 12.09
N GLY A 33 13.07 -25.23 12.18
CA GLY A 33 12.79 -23.86 11.81
C GLY A 33 11.33 -23.48 11.96
N SER A 34 11.03 -22.22 11.63
CA SER A 34 9.68 -21.71 11.70
C SER A 34 9.48 -20.79 10.50
N GLY A 35 8.88 -21.34 9.45
CA GLY A 35 8.63 -20.58 8.24
C GLY A 35 7.70 -19.39 8.46
N ALA A 36 7.04 -18.97 7.40
CA ALA A 36 6.13 -17.83 7.47
C ALA A 36 4.67 -18.24 7.61
N GLN A 37 4.43 -19.43 8.14
CA GLN A 37 3.06 -19.92 8.32
C GLN A 37 2.85 -20.52 9.72
N GLY A 38 3.52 -21.62 9.99
CA GLY A 38 3.42 -22.26 11.29
C GLY A 38 4.83 -22.52 11.79
N ILE A 39 5.15 -23.80 11.97
CA ILE A 39 6.48 -24.19 12.42
C ILE A 39 6.85 -25.49 11.71
N VAL A 40 8.12 -25.87 11.79
CA VAL A 40 8.53 -27.10 11.15
C VAL A 40 9.58 -27.91 11.93
N CYS A 41 9.38 -29.24 11.93
CA CYS A 41 10.26 -30.16 12.62
C CYS A 41 10.80 -31.25 11.70
N ALA A 42 11.93 -31.83 12.09
CA ALA A 42 12.57 -32.89 11.33
C ALA A 42 12.40 -34.23 12.04
N ALA A 43 11.22 -34.83 11.88
CA ALA A 43 10.94 -36.10 12.52
C ALA A 43 11.19 -37.30 11.62
N TYR A 44 11.17 -38.48 12.25
CA TYR A 44 11.37 -39.76 11.58
C TYR A 44 9.98 -40.34 11.28
N ASP A 45 9.79 -40.82 10.05
CA ASP A 45 8.51 -41.40 9.65
C ASP A 45 8.72 -42.88 9.42
N ALA A 46 8.89 -43.63 10.51
CA ALA A 46 9.10 -45.07 10.44
C ALA A 46 8.43 -45.71 9.22
N ILE A 47 7.10 -45.63 9.18
CA ILE A 47 6.31 -46.21 8.09
C ILE A 47 6.92 -46.12 6.70
N LEU A 48 7.73 -45.09 6.46
CA LEU A 48 8.36 -44.89 5.16
C LEU A 48 9.86 -45.16 5.19
N GLU A 49 10.48 -44.85 6.32
CA GLU A 49 11.92 -45.01 6.52
C GLU A 49 12.74 -43.91 5.83
N ARG A 50 12.81 -42.78 6.53
CA ARG A 50 13.54 -41.58 6.14
C ARG A 50 12.98 -40.38 6.93
N ASN A 51 13.86 -39.45 7.31
CA ASN A 51 13.48 -38.27 8.07
C ASN A 51 12.72 -37.28 7.21
N VAL A 52 11.50 -36.94 7.63
CA VAL A 52 10.68 -36.01 6.86
C VAL A 52 10.24 -34.83 7.69
N ALA A 53 10.09 -33.67 7.04
CA ALA A 53 9.66 -32.43 7.69
C ALA A 53 8.14 -32.29 7.78
N ILE A 54 7.66 -32.18 9.02
CA ILE A 54 6.25 -32.02 9.33
C ILE A 54 6.12 -30.54 9.62
N LYS A 55 5.09 -29.92 9.04
CA LYS A 55 4.84 -28.49 9.21
C LYS A 55 3.42 -28.28 9.67
N LYS A 56 3.27 -27.71 10.87
CA LYS A 56 1.95 -27.46 11.42
C LYS A 56 1.59 -26.00 11.23
N LEU A 57 0.41 -25.75 10.69
CA LEU A 57 -0.06 -24.40 10.48
C LEU A 57 -1.13 -24.13 11.54
N SER A 58 -0.72 -24.25 12.81
CA SER A 58 -1.62 -24.06 13.96
C SER A 58 -2.62 -22.96 13.66
N ARG A 59 -3.91 -23.29 13.75
CA ARG A 59 -4.97 -22.34 13.47
C ARG A 59 -4.62 -21.64 12.15
N PRO A 60 -5.09 -22.20 11.03
CA PRO A 60 -4.86 -21.68 9.68
C PRO A 60 -5.63 -20.42 9.38
N PHE A 61 -6.91 -20.61 9.07
CA PHE A 61 -7.85 -19.56 8.72
C PHE A 61 -8.10 -18.47 9.78
N GLN A 62 -7.05 -17.98 10.45
CA GLN A 62 -7.25 -16.94 11.43
C GLN A 62 -7.98 -15.79 10.73
N ASN A 63 -7.47 -15.39 9.58
CA ASN A 63 -8.06 -14.32 8.78
C ASN A 63 -7.84 -14.52 7.27
N GLN A 64 -8.42 -13.64 6.46
CA GLN A 64 -8.31 -13.72 5.00
C GLN A 64 -6.88 -13.72 4.46
N THR A 65 -5.91 -13.77 5.36
CA THR A 65 -4.51 -13.78 4.99
C THR A 65 -3.92 -15.18 5.17
N HIS A 66 -3.81 -15.64 6.42
CA HIS A 66 -3.26 -16.96 6.71
C HIS A 66 -4.16 -18.07 6.16
N ALA A 67 -5.20 -17.68 5.43
CA ALA A 67 -6.12 -18.66 4.85
C ALA A 67 -6.00 -18.68 3.33
N LYS A 68 -5.49 -17.59 2.77
CA LYS A 68 -5.29 -17.50 1.33
C LYS A 68 -3.89 -18.01 1.02
N ARG A 69 -2.94 -17.73 1.92
CA ARG A 69 -1.56 -18.18 1.75
C ARG A 69 -1.50 -19.68 1.95
N ALA A 70 -2.55 -20.22 2.57
CA ALA A 70 -2.62 -21.66 2.81
C ALA A 70 -3.20 -22.39 1.60
N TYR A 71 -4.43 -22.06 1.23
CA TYR A 71 -5.09 -22.69 0.09
C TYR A 71 -4.14 -22.69 -1.10
N ARG A 72 -3.32 -21.65 -1.18
CA ARG A 72 -2.34 -21.52 -2.26
C ARG A 72 -1.20 -22.50 -2.01
N GLU A 73 -0.73 -22.53 -0.77
CA GLU A 73 0.35 -23.44 -0.36
C GLU A 73 -0.07 -24.89 -0.61
N LEU A 74 -1.30 -25.21 -0.21
CA LEU A 74 -1.82 -26.55 -0.39
C LEU A 74 -1.75 -26.92 -1.86
N VAL A 75 -2.66 -26.38 -2.66
CA VAL A 75 -2.71 -26.66 -4.08
C VAL A 75 -1.35 -26.63 -4.75
N LEU A 76 -0.60 -25.56 -4.55
CA LEU A 76 0.73 -25.48 -5.13
C LEU A 76 1.59 -26.67 -4.72
N MET A 77 1.55 -27.03 -3.44
CA MET A 77 2.33 -28.16 -2.97
C MET A 77 2.06 -29.40 -3.80
N LYS A 78 0.78 -29.75 -3.92
CA LYS A 78 0.39 -30.94 -4.68
C LYS A 78 0.50 -30.84 -6.19
N CYS A 79 0.75 -29.65 -6.72
CA CYS A 79 0.87 -29.48 -8.17
C CYS A 79 2.29 -29.43 -8.71
N VAL A 80 3.23 -28.95 -7.89
CA VAL A 80 4.61 -28.85 -8.32
C VAL A 80 5.48 -30.05 -8.03
N ASN A 81 6.01 -30.64 -9.09
CA ASN A 81 6.88 -31.78 -8.97
C ASN A 81 8.11 -31.45 -9.79
N HIS A 82 9.28 -31.49 -9.17
CA HIS A 82 10.51 -31.21 -9.88
C HIS A 82 11.73 -31.58 -9.06
N LYS A 83 12.79 -31.99 -9.74
CA LYS A 83 14.04 -32.40 -9.09
C LYS A 83 14.65 -31.34 -8.16
N ASN A 84 14.35 -30.07 -8.42
CA ASN A 84 14.87 -28.99 -7.61
C ASN A 84 13.80 -28.33 -6.75
N ILE A 85 12.54 -28.50 -7.11
CA ILE A 85 11.48 -27.90 -6.30
C ILE A 85 10.89 -28.95 -5.39
N ILE A 86 11.22 -28.84 -4.10
CA ILE A 86 10.75 -29.74 -3.06
C ILE A 86 9.36 -30.32 -3.38
N GLY A 87 9.14 -31.57 -2.97
CA GLY A 87 7.87 -32.22 -3.22
C GLY A 87 7.07 -32.48 -1.96
N LEU A 88 5.81 -32.90 -2.14
CA LEU A 88 4.92 -33.17 -1.01
C LEU A 88 5.33 -34.42 -0.28
N LEU A 89 4.36 -35.23 0.13
CA LEU A 89 4.62 -36.47 0.84
C LEU A 89 3.41 -36.91 1.67
N ASN A 90 2.79 -35.96 2.36
CA ASN A 90 1.62 -36.27 3.18
C ASN A 90 1.07 -35.01 3.85
N VAL A 91 -0.26 -34.95 3.96
CA VAL A 91 -0.95 -33.83 4.60
C VAL A 91 -2.11 -34.41 5.42
N PHE A 92 -2.29 -33.92 6.64
CA PHE A 92 -3.33 -34.46 7.51
C PHE A 92 -3.79 -33.49 8.60
N THR A 93 -4.99 -33.73 9.13
CA THR A 93 -5.51 -32.90 10.21
C THR A 93 -5.95 -33.79 11.35
N PRO A 94 -5.39 -33.55 12.54
CA PRO A 94 -5.71 -34.32 13.74
C PRO A 94 -7.18 -34.26 14.15
N GLN A 95 -7.92 -33.32 13.56
CA GLN A 95 -9.33 -33.18 13.89
C GLN A 95 -10.20 -34.06 13.00
N LYS A 96 -11.29 -34.53 13.58
CA LYS A 96 -12.24 -35.40 12.89
C LYS A 96 -13.31 -34.62 12.13
N SER A 97 -14.35 -34.24 12.86
CA SER A 97 -15.50 -33.51 12.32
C SER A 97 -15.19 -32.28 11.46
N LEU A 98 -16.22 -31.82 10.74
CA LEU A 98 -16.12 -30.65 9.86
C LEU A 98 -15.84 -29.37 10.65
N GLU A 99 -16.38 -29.31 11.85
CA GLU A 99 -16.23 -28.18 12.76
C GLU A 99 -14.92 -28.32 13.54
N GLU A 100 -14.68 -29.54 14.02
CA GLU A 100 -13.50 -29.85 14.80
C GLU A 100 -12.26 -29.16 14.22
N PHE A 101 -12.14 -29.18 12.91
CA PHE A 101 -11.00 -28.59 12.20
C PHE A 101 -10.55 -27.22 12.69
N GLN A 102 -9.26 -27.12 12.99
CA GLN A 102 -8.67 -25.87 13.44
C GLN A 102 -7.15 -25.91 13.25
N ASP A 103 -6.65 -27.02 12.73
CA ASP A 103 -5.21 -27.17 12.51
C ASP A 103 -4.90 -28.08 11.32
N VAL A 104 -3.75 -27.88 10.70
CA VAL A 104 -3.35 -28.69 9.57
C VAL A 104 -1.84 -28.93 9.59
N TYR A 105 -1.45 -30.20 9.48
CA TYR A 105 -0.04 -30.59 9.46
C TYR A 105 0.35 -31.01 8.05
N ILE A 106 1.55 -30.62 7.63
CA ILE A 106 2.06 -30.93 6.29
C ILE A 106 3.40 -31.67 6.31
N VAL A 107 3.41 -32.89 5.77
CA VAL A 107 4.64 -33.67 5.71
C VAL A 107 5.26 -33.59 4.33
N MET A 108 6.54 -33.21 4.31
CA MET A 108 7.29 -33.07 3.07
C MET A 108 8.71 -33.58 3.22
N GLU A 109 9.46 -33.57 2.11
CA GLU A 109 10.85 -34.04 2.11
C GLU A 109 11.69 -33.27 3.11
N LEU A 110 12.96 -33.67 3.24
CA LEU A 110 13.83 -33.01 4.22
C LEU A 110 15.30 -33.27 3.89
N MET A 111 15.96 -32.24 3.35
CA MET A 111 17.36 -32.31 2.94
C MET A 111 18.33 -32.57 4.07
N ASP A 112 19.46 -31.87 4.00
CA ASP A 112 20.51 -32.00 5.01
C ASP A 112 20.73 -30.66 5.71
N ALA A 113 20.57 -29.57 4.96
CA ALA A 113 20.75 -28.24 5.50
C ALA A 113 20.00 -27.24 4.64
N ASN A 114 20.28 -25.96 4.85
CA ASN A 114 19.67 -24.91 4.06
C ASN A 114 20.84 -24.11 3.51
N LEU A 115 20.61 -23.47 2.38
CA LEU A 115 21.63 -22.68 1.71
C LEU A 115 22.44 -21.77 2.65
N CYS A 116 21.80 -21.30 3.72
CA CYS A 116 22.45 -20.44 4.73
C CYS A 116 23.60 -21.18 5.34
N GLN A 117 23.90 -22.35 4.78
CA GLN A 117 24.98 -23.16 5.27
C GLN A 117 26.09 -23.13 4.21
N VAL A 118 25.70 -23.03 2.95
CA VAL A 118 26.69 -22.98 1.89
C VAL A 118 27.19 -21.56 1.86
N ILE A 119 26.26 -20.62 1.76
CA ILE A 119 26.61 -19.21 1.74
C ILE A 119 27.88 -19.04 2.54
N GLN A 120 27.84 -19.58 3.76
CA GLN A 120 28.95 -19.49 4.70
C GLN A 120 30.09 -20.53 4.52
N MET A 121 30.42 -20.87 3.28
CA MET A 121 31.51 -21.84 3.02
C MET A 121 32.16 -21.61 1.66
N GLU A 122 33.42 -21.96 1.53
CA GLU A 122 34.13 -21.73 0.27
C GLU A 122 33.93 -22.73 -0.87
N LEU A 123 32.89 -22.53 -1.67
CA LEU A 123 32.63 -23.42 -2.80
C LEU A 123 33.79 -23.39 -3.80
N ASP A 124 33.59 -24.11 -4.91
CA ASP A 124 34.53 -24.19 -6.01
C ASP A 124 33.65 -23.80 -7.18
N HIS A 125 34.17 -23.83 -8.41
CA HIS A 125 33.33 -23.43 -9.53
C HIS A 125 32.28 -24.43 -10.01
N GLU A 126 32.72 -25.52 -10.63
CA GLU A 126 31.80 -26.54 -11.12
C GLU A 126 30.60 -26.66 -10.17
N ARG A 127 30.90 -26.63 -8.88
CA ARG A 127 29.89 -26.76 -7.84
C ARG A 127 28.92 -25.60 -7.81
N MET A 128 29.38 -24.46 -7.33
CA MET A 128 28.54 -23.27 -7.26
C MET A 128 27.69 -23.10 -8.50
N SER A 129 28.31 -23.27 -9.67
CA SER A 129 27.58 -23.13 -10.92
C SER A 129 26.46 -24.17 -11.02
N TYR A 130 26.66 -25.32 -10.40
CA TYR A 130 25.67 -26.39 -10.44
C TYR A 130 24.44 -26.02 -9.60
N LEU A 131 24.68 -25.51 -8.40
CA LEU A 131 23.60 -25.11 -7.51
C LEU A 131 22.82 -23.97 -8.17
N LEU A 132 23.56 -23.01 -8.74
CA LEU A 132 22.95 -21.88 -9.42
C LEU A 132 22.04 -22.48 -10.47
N TYR A 133 22.61 -23.38 -11.26
CA TYR A 133 21.84 -24.05 -12.29
C TYR A 133 20.70 -24.69 -11.55
N GLN A 134 21.05 -25.63 -10.69
CA GLN A 134 20.08 -26.35 -9.88
C GLN A 134 18.95 -25.42 -9.48
N MET A 135 19.19 -24.63 -8.45
CA MET A 135 18.20 -23.68 -7.98
C MET A 135 17.50 -23.00 -9.14
N LEU A 136 18.32 -22.57 -10.11
CA LEU A 136 17.86 -21.87 -11.29
C LEU A 136 16.72 -22.55 -12.02
N CYS A 137 16.92 -23.83 -12.33
CA CYS A 137 15.96 -24.64 -13.06
C CYS A 137 14.65 -24.69 -12.31
N GLY A 138 14.72 -25.18 -11.07
CA GLY A 138 13.52 -25.27 -10.28
C GLY A 138 12.70 -24.02 -10.54
N ILE A 139 13.35 -22.88 -10.45
CA ILE A 139 12.71 -21.61 -10.68
C ILE A 139 12.06 -21.58 -12.05
N LYS A 140 12.87 -21.81 -13.08
CA LYS A 140 12.40 -21.83 -14.46
C LYS A 140 11.10 -22.62 -14.56
N HIS A 141 11.11 -23.80 -13.96
CA HIS A 141 9.98 -24.69 -13.96
C HIS A 141 8.75 -24.01 -13.36
N LEU A 142 8.86 -23.65 -12.08
CA LEU A 142 7.77 -23.01 -11.37
C LEU A 142 7.16 -21.89 -12.19
N HIS A 143 8.02 -21.13 -12.86
CA HIS A 143 7.56 -20.03 -13.69
C HIS A 143 6.78 -20.56 -14.91
N SER A 144 7.25 -21.67 -15.45
CA SER A 144 6.63 -22.31 -16.62
C SER A 144 5.14 -22.59 -16.46
N ALA A 145 4.51 -21.91 -15.51
CA ALA A 145 3.09 -22.08 -15.26
C ALA A 145 2.56 -20.71 -14.86
N GLY A 146 3.39 -19.69 -15.05
CA GLY A 146 3.02 -18.34 -14.69
C GLY A 146 2.94 -18.21 -13.19
N ILE A 147 3.90 -18.82 -12.52
CA ILE A 147 3.96 -18.78 -11.07
C ILE A 147 5.27 -18.21 -10.57
N ILE A 148 5.21 -17.06 -9.89
CA ILE A 148 6.40 -16.44 -9.34
C ILE A 148 6.48 -16.87 -7.89
N HIS A 149 7.70 -17.06 -7.41
CA HIS A 149 7.84 -17.47 -6.04
C HIS A 149 7.80 -16.23 -5.16
N ARG A 150 8.74 -15.32 -5.41
CA ARG A 150 8.81 -14.08 -4.68
C ARG A 150 9.32 -14.27 -3.27
N ASP A 151 10.41 -15.01 -3.08
CA ASP A 151 10.88 -15.16 -1.72
C ASP A 151 12.12 -16.01 -1.59
N LEU A 152 12.74 -16.29 -2.72
CA LEU A 152 13.93 -17.10 -2.68
C LEU A 152 14.95 -16.34 -1.84
N LYS A 153 15.58 -17.05 -0.91
CA LYS A 153 16.58 -16.50 -0.01
C LYS A 153 17.11 -17.73 0.69
N PRO A 154 18.39 -17.71 1.07
CA PRO A 154 18.95 -18.88 1.76
C PRO A 154 17.97 -19.58 2.72
N SER A 155 17.38 -18.80 3.62
CA SER A 155 16.43 -19.31 4.62
C SER A 155 15.34 -20.15 3.95
N ASN A 156 15.34 -20.18 2.62
CA ASN A 156 14.33 -20.87 1.86
C ASN A 156 14.90 -21.73 0.75
N ILE A 157 16.19 -22.03 0.80
CA ILE A 157 16.82 -22.86 -0.20
C ILE A 157 17.56 -23.99 0.50
N VAL A 158 17.37 -25.21 -0.01
CA VAL A 158 17.98 -26.36 0.62
C VAL A 158 18.83 -27.27 -0.29
N VAL A 159 20.06 -27.54 0.16
CA VAL A 159 20.99 -28.37 -0.59
C VAL A 159 21.32 -29.64 0.18
N LYS A 160 21.38 -30.75 -0.56
CA LYS A 160 21.67 -32.07 -0.01
C LYS A 160 23.18 -32.29 -0.03
N SER A 161 23.66 -33.27 0.73
CA SER A 161 25.09 -33.54 0.74
C SER A 161 25.53 -34.09 -0.61
N ASP A 162 24.60 -34.71 -1.33
CA ASP A 162 24.93 -35.28 -2.63
C ASP A 162 24.93 -34.14 -3.65
N CYS A 163 24.81 -32.93 -3.12
CA CYS A 163 24.82 -31.68 -3.87
C CYS A 163 23.56 -31.33 -4.66
N THR A 164 22.43 -31.90 -4.25
CA THR A 164 21.16 -31.59 -4.93
C THR A 164 20.80 -30.15 -4.54
N LEU A 165 19.52 -29.87 -4.33
CA LEU A 165 19.04 -28.53 -3.95
C LEU A 165 17.58 -28.33 -4.31
N LYS A 166 16.85 -27.66 -3.42
CA LYS A 166 15.43 -27.41 -3.63
C LYS A 166 14.89 -26.06 -3.16
N ILE A 167 13.93 -25.54 -3.93
CA ILE A 167 13.28 -24.29 -3.59
C ILE A 167 12.46 -24.61 -2.36
N LEU A 168 11.51 -23.76 -1.96
CA LEU A 168 10.74 -24.04 -0.75
C LEU A 168 9.54 -23.11 -0.57
N ASP A 169 8.97 -23.11 0.63
CA ASP A 169 7.83 -22.26 1.02
C ASP A 169 6.98 -21.63 -0.11
N PHE A 170 5.91 -22.30 -0.48
CA PHE A 170 5.01 -21.79 -1.51
C PHE A 170 3.91 -21.00 -0.85
N GLY A 171 4.23 -20.37 0.27
CA GLY A 171 3.24 -19.59 0.99
C GLY A 171 2.90 -18.27 0.32
N LEU A 172 3.81 -17.78 -0.51
CA LEU A 172 3.59 -16.53 -1.20
C LEU A 172 3.51 -16.77 -2.70
N ALA A 173 4.49 -17.49 -3.23
CA ALA A 173 4.58 -17.82 -4.65
C ALA A 173 3.23 -17.86 -5.35
N ARG A 174 2.78 -16.72 -5.86
CA ARG A 174 1.51 -16.64 -6.55
C ARG A 174 1.77 -16.40 -8.04
N THR A 175 0.76 -15.90 -8.74
CA THR A 175 0.90 -15.60 -10.16
C THR A 175 0.68 -14.11 -10.29
N ALA A 176 1.31 -13.47 -11.28
CA ALA A 176 1.19 -12.03 -11.48
C ALA A 176 -0.21 -11.64 -11.98
N GLY A 177 -1.18 -11.60 -11.06
CA GLY A 177 -2.55 -11.24 -11.41
C GLY A 177 -2.95 -9.89 -10.86
N THR A 178 -2.40 -9.55 -9.70
CA THR A 178 -2.67 -8.28 -9.05
C THR A 178 -1.33 -7.53 -9.02
N SER A 179 -1.35 -6.24 -8.68
CA SER A 179 -0.14 -5.43 -8.67
C SER A 179 0.59 -5.37 -7.34
N PHE A 180 0.95 -4.15 -6.93
CA PHE A 180 1.68 -3.89 -5.69
C PHE A 180 0.81 -4.08 -4.43
N MET A 181 1.16 -3.33 -3.40
CA MET A 181 0.49 -3.29 -2.10
C MET A 181 1.48 -2.62 -1.15
N MET A 182 1.01 -1.64 -0.39
CA MET A 182 1.87 -0.92 0.54
C MET A 182 1.97 -1.72 1.84
N GLU A 183 1.94 -3.04 1.67
CA GLU A 183 2.03 -4.00 2.76
C GLU A 183 2.63 -5.32 2.27
N PRO A 184 3.70 -5.28 1.46
CA PRO A 184 4.33 -6.50 0.94
C PRO A 184 5.53 -6.78 1.84
N GLU A 185 5.59 -6.03 2.94
CA GLU A 185 6.68 -6.14 3.91
C GLU A 185 6.97 -7.58 4.32
N VAL A 186 6.14 -8.52 3.88
CA VAL A 186 6.32 -9.92 4.22
C VAL A 186 7.50 -10.57 3.50
N VAL A 187 7.78 -10.12 2.28
CA VAL A 187 8.90 -10.68 1.53
C VAL A 187 10.21 -10.05 1.94
N THR A 188 11.07 -10.86 2.56
CA THR A 188 12.38 -10.40 3.02
C THR A 188 12.98 -9.20 2.27
N ARG A 189 13.47 -8.24 3.05
CA ARG A 189 14.08 -7.01 2.59
C ARG A 189 15.27 -7.26 1.70
N TYR A 190 16.35 -7.73 2.29
CA TYR A 190 17.58 -7.98 1.56
C TYR A 190 17.38 -8.71 0.23
N TYR A 191 16.22 -9.34 0.06
CA TYR A 191 15.94 -10.07 -1.17
C TYR A 191 14.70 -9.50 -1.90
N ARG A 192 14.31 -8.29 -1.53
CA ARG A 192 13.15 -7.66 -2.16
C ARG A 192 13.66 -6.98 -3.39
N ALA A 193 12.97 -7.18 -4.49
CA ALA A 193 13.37 -6.58 -5.77
C ALA A 193 12.82 -5.17 -5.97
N PRO A 194 13.52 -4.36 -6.77
CA PRO A 194 13.12 -2.98 -7.05
C PRO A 194 11.65 -2.82 -7.40
N GLU A 195 11.10 -3.66 -8.26
CA GLU A 195 9.71 -3.49 -8.62
C GLU A 195 8.83 -3.70 -7.39
N VAL A 196 9.35 -4.43 -6.41
CA VAL A 196 8.58 -4.67 -5.19
C VAL A 196 8.75 -3.44 -4.32
N ILE A 197 9.99 -3.18 -3.91
CA ILE A 197 10.34 -2.03 -3.08
C ILE A 197 9.52 -0.83 -3.48
N LEU A 198 9.78 -0.36 -4.69
CA LEU A 198 9.13 0.80 -5.29
C LEU A 198 7.68 0.58 -5.62
N GLY A 199 7.09 -0.46 -5.04
CA GLY A 199 5.70 -0.73 -5.30
C GLY A 199 5.37 -0.48 -6.75
N MET A 200 5.98 -1.27 -7.64
CA MET A 200 5.73 -1.15 -9.07
C MET A 200 4.69 -2.16 -9.50
N GLY A 201 5.16 -3.35 -9.84
CA GLY A 201 4.30 -4.43 -10.29
C GLY A 201 5.18 -5.53 -10.83
N TYR A 202 5.19 -6.68 -10.16
CA TYR A 202 6.05 -7.79 -10.56
C TYR A 202 5.61 -8.70 -11.70
N LYS A 203 6.59 -9.46 -12.19
CA LYS A 203 6.45 -10.45 -13.25
C LYS A 203 7.42 -11.59 -12.94
N GLU A 204 7.34 -12.68 -13.70
CA GLU A 204 8.22 -13.83 -13.51
C GLU A 204 9.65 -13.44 -13.14
N ASN A 205 10.14 -12.31 -13.65
CA ASN A 205 11.52 -11.88 -13.39
C ASN A 205 11.89 -11.73 -11.93
N VAL A 206 11.10 -10.94 -11.20
CA VAL A 206 11.33 -10.69 -9.77
C VAL A 206 12.11 -11.82 -9.12
N ASP A 207 11.66 -13.05 -9.33
CA ASP A 207 12.32 -14.21 -8.73
C ASP A 207 13.83 -14.21 -9.01
N LEU A 208 14.22 -13.86 -10.23
CA LEU A 208 15.64 -13.84 -10.54
C LEU A 208 16.43 -12.89 -9.64
N TRP A 209 15.91 -11.67 -9.46
CA TRP A 209 16.59 -10.69 -8.61
C TRP A 209 16.92 -11.38 -7.30
N SER A 210 15.93 -12.10 -6.77
CA SER A 210 16.13 -12.81 -5.52
C SER A 210 17.39 -13.59 -5.77
N VAL A 211 17.35 -14.47 -6.78
CA VAL A 211 18.48 -15.30 -7.14
C VAL A 211 19.77 -14.46 -7.29
N GLY A 212 19.61 -13.19 -7.63
CA GLY A 212 20.77 -12.35 -7.76
C GLY A 212 21.38 -12.09 -6.40
N CYS A 213 20.56 -11.51 -5.51
CA CYS A 213 20.99 -11.18 -4.14
C CYS A 213 21.44 -12.44 -3.42
N ILE A 214 21.31 -13.55 -4.12
CA ILE A 214 21.68 -14.84 -3.58
C ILE A 214 23.14 -15.06 -3.92
N MET A 215 23.42 -15.17 -5.20
CA MET A 215 24.77 -15.40 -5.69
C MET A 215 25.74 -14.47 -5.02
N GLY A 216 25.44 -13.18 -5.07
CA GLY A 216 26.30 -12.20 -4.45
C GLY A 216 26.56 -12.56 -3.00
N GLU A 217 25.67 -13.36 -2.44
CA GLU A 217 25.82 -13.79 -1.06
C GLU A 217 26.67 -15.05 -1.06
N MET A 218 26.51 -15.87 -2.08
CA MET A 218 27.29 -17.09 -2.17
C MET A 218 28.71 -16.69 -2.54
N VAL A 219 28.88 -15.44 -2.93
CA VAL A 219 30.19 -14.93 -3.29
C VAL A 219 30.74 -14.01 -2.20
N CYS A 220 30.04 -12.92 -1.90
CA CYS A 220 30.48 -11.99 -0.88
C CYS A 220 30.51 -12.56 0.54
N HIS A 221 29.48 -13.32 0.89
CA HIS A 221 29.32 -13.94 2.21
C HIS A 221 28.53 -13.01 3.12
N LYS A 222 28.49 -11.75 2.74
CA LYS A 222 27.74 -10.75 3.46
C LYS A 222 26.48 -10.68 2.61
N ILE A 223 25.43 -10.06 3.12
CA ILE A 223 24.23 -9.93 2.32
C ILE A 223 24.41 -8.72 1.42
N LEU A 224 24.00 -8.83 0.17
CA LEU A 224 24.16 -7.74 -0.80
C LEU A 224 23.72 -6.33 -0.36
N PHE A 225 22.41 -6.14 -0.23
CA PHE A 225 21.82 -4.85 0.14
C PHE A 225 21.09 -4.97 1.45
N PRO A 226 21.75 -4.65 2.58
CA PRO A 226 21.12 -4.74 3.89
C PRO A 226 19.81 -3.98 4.02
N GLY A 227 19.88 -2.76 4.53
CA GLY A 227 18.66 -2.00 4.69
C GLY A 227 18.25 -2.04 6.14
N ARG A 228 17.82 -0.90 6.67
CA ARG A 228 17.43 -0.82 8.05
C ARG A 228 15.94 -0.53 8.18
N ASP A 229 15.24 -0.52 7.05
CA ASP A 229 13.81 -0.27 7.01
C ASP A 229 13.51 -0.40 5.54
N TYR A 230 12.28 -0.73 5.17
CA TYR A 230 11.95 -0.92 3.76
C TYR A 230 12.21 0.31 2.90
N ILE A 231 12.37 1.44 3.56
CA ILE A 231 12.61 2.70 2.87
C ILE A 231 14.09 2.93 2.64
N ASP A 232 14.94 2.38 3.51
CA ASP A 232 16.37 2.56 3.33
C ASP A 232 16.84 1.50 2.37
N GLN A 233 16.13 0.38 2.32
CA GLN A 233 16.52 -0.71 1.43
C GLN A 233 16.88 -0.08 0.11
N TRP A 234 15.93 0.64 -0.47
CA TRP A 234 16.19 1.32 -1.72
C TRP A 234 17.46 2.18 -1.59
N ASN A 235 17.44 3.13 -0.67
CA ASN A 235 18.59 3.99 -0.48
C ASN A 235 19.89 3.20 -0.35
N LYS A 236 19.78 1.88 -0.31
CA LYS A 236 20.98 1.06 -0.18
C LYS A 236 21.28 0.28 -1.43
N VAL A 237 20.24 -0.21 -2.09
CA VAL A 237 20.43 -0.97 -3.32
C VAL A 237 21.07 -0.10 -4.40
N ILE A 238 20.47 1.07 -4.58
CA ILE A 238 20.90 2.01 -5.58
C ILE A 238 22.20 2.67 -5.27
N GLU A 239 22.58 2.69 -4.00
CA GLU A 239 23.85 3.29 -3.64
C GLU A 239 24.96 2.43 -4.21
N GLN A 240 24.61 1.18 -4.50
CA GLN A 240 25.51 0.17 -5.04
C GLN A 240 25.48 0.07 -6.55
N LEU A 241 24.28 0.09 -7.12
CA LEU A 241 24.08 -0.05 -8.56
C LEU A 241 23.77 1.25 -9.30
N GLY A 242 24.09 2.38 -8.70
CA GLY A 242 23.83 3.66 -9.35
C GLY A 242 22.37 4.06 -9.42
N THR A 243 22.11 5.37 -9.50
CA THR A 243 20.74 5.87 -9.58
C THR A 243 20.21 5.56 -10.96
N PRO A 244 19.05 4.90 -11.02
CA PRO A 244 18.26 4.45 -12.18
C PRO A 244 18.00 5.44 -13.31
N CYS A 245 18.03 4.90 -14.53
CA CYS A 245 17.85 5.64 -15.77
C CYS A 245 16.48 6.28 -15.96
N PRO A 246 16.46 7.61 -16.11
CA PRO A 246 15.29 8.46 -16.30
C PRO A 246 14.05 7.80 -16.89
N GLU A 247 14.22 6.96 -17.90
CA GLU A 247 13.07 6.29 -18.48
C GLU A 247 12.39 5.49 -17.36
N PHE A 248 13.20 4.74 -16.62
CA PHE A 248 12.74 3.94 -15.49
C PHE A 248 11.81 4.78 -14.67
N MET A 249 12.29 5.96 -14.29
CA MET A 249 11.50 6.88 -13.50
C MET A 249 10.09 6.92 -14.05
N LYS A 250 9.95 7.28 -15.33
CA LYS A 250 8.63 7.38 -15.96
C LYS A 250 7.73 6.16 -15.69
N LYS A 251 8.34 5.08 -15.25
CA LYS A 251 7.58 3.87 -14.96
C LYS A 251 6.99 3.89 -13.57
N LEU A 252 7.82 4.12 -12.56
CA LEU A 252 7.40 4.17 -11.15
C LEU A 252 6.15 5.03 -11.02
N GLN A 253 5.26 4.65 -10.10
CA GLN A 253 4.01 5.40 -9.89
C GLN A 253 4.25 6.90 -9.72
N PRO A 254 3.19 7.72 -9.76
CA PRO A 254 3.41 9.15 -9.60
C PRO A 254 4.24 9.52 -8.37
N THR A 255 3.64 9.36 -7.19
CA THR A 255 4.25 9.69 -5.91
C THR A 255 5.68 9.18 -5.81
N VAL A 256 5.79 7.86 -5.57
CA VAL A 256 7.11 7.25 -5.44
C VAL A 256 8.15 7.96 -6.32
N ARG A 257 7.76 8.21 -7.58
CA ARG A 257 8.68 8.88 -8.49
C ARG A 257 9.31 10.12 -7.86
N THR A 258 8.42 11.00 -7.33
CA THR A 258 8.91 12.22 -6.69
C THR A 258 10.01 11.91 -5.67
N TYR A 259 9.64 11.05 -4.69
CA TYR A 259 10.60 10.70 -3.65
C TYR A 259 11.85 10.05 -4.22
N VAL A 260 11.64 8.91 -4.92
CA VAL A 260 12.77 8.21 -5.51
C VAL A 260 13.64 9.15 -6.35
N GLU A 261 12.99 10.21 -6.86
CA GLU A 261 13.73 11.18 -7.67
C GLU A 261 14.53 12.14 -6.80
N ASN A 262 13.93 12.51 -5.65
CA ASN A 262 14.63 13.40 -4.73
C ASN A 262 15.89 12.75 -4.19
N ARG A 263 15.91 11.44 -3.97
CA ARG A 263 17.08 10.77 -3.44
C ARG A 263 18.34 11.37 -4.02
N PRO A 264 19.44 11.31 -3.28
CA PRO A 264 20.71 11.87 -3.74
C PRO A 264 21.19 10.99 -4.89
N LYS A 265 21.85 11.60 -5.87
CA LYS A 265 22.31 10.84 -7.02
C LYS A 265 23.56 10.00 -6.73
N TYR A 266 23.55 8.77 -7.22
CA TYR A 266 24.67 7.83 -7.00
C TYR A 266 25.26 7.34 -8.30
N ALA A 267 26.59 7.35 -8.35
CA ALA A 267 27.36 6.94 -9.52
C ALA A 267 27.07 5.51 -9.92
N GLY A 268 27.19 4.61 -8.96
CA GLY A 268 26.96 3.21 -9.24
C GLY A 268 28.34 2.65 -9.51
N TYR A 269 28.53 1.38 -9.19
CA TYR A 269 29.83 0.74 -9.41
C TYR A 269 29.71 -0.38 -10.46
N SER A 270 30.77 -0.58 -11.22
CA SER A 270 30.76 -1.64 -12.23
C SER A 270 30.93 -2.95 -11.47
N PHE A 271 30.16 -3.96 -11.84
CA PHE A 271 30.24 -5.25 -11.18
C PHE A 271 31.66 -5.81 -11.15
N GLU A 272 32.56 -5.24 -11.95
CA GLU A 272 33.95 -5.69 -12.00
C GLU A 272 34.61 -5.32 -10.68
N LYS A 273 34.01 -4.38 -9.95
CA LYS A 273 34.52 -3.94 -8.65
C LYS A 273 33.60 -4.41 -7.55
N LEU A 274 32.33 -4.55 -7.89
CA LEU A 274 31.33 -5.01 -6.94
C LEU A 274 31.59 -6.47 -6.57
N PHE A 275 32.37 -7.16 -7.39
CA PHE A 275 32.72 -8.56 -7.16
C PHE A 275 34.06 -8.78 -7.81
N PRO A 276 35.15 -8.44 -7.13
CA PRO A 276 36.49 -8.62 -7.69
C PRO A 276 36.74 -10.04 -8.17
N ASP A 277 37.86 -10.21 -8.87
CA ASP A 277 38.26 -11.51 -9.39
C ASP A 277 38.68 -12.40 -8.24
N VAL A 278 38.80 -11.80 -7.07
CA VAL A 278 39.22 -12.53 -5.88
C VAL A 278 38.09 -13.21 -5.12
N LEU A 279 36.93 -12.57 -5.05
CA LEU A 279 35.80 -13.14 -4.33
C LEU A 279 35.19 -14.31 -5.08
N PHE A 280 35.88 -14.72 -6.14
CA PHE A 280 35.38 -15.81 -6.95
C PHE A 280 36.18 -17.10 -6.92
N PRO A 281 35.48 -18.23 -6.95
CA PRO A 281 36.06 -19.58 -6.94
C PRO A 281 37.18 -19.68 -7.97
N ALA A 282 38.35 -20.16 -7.54
CA ALA A 282 39.53 -20.32 -8.39
C ALA A 282 39.27 -20.32 -9.90
N ASP A 283 39.12 -19.13 -10.48
CA ASP A 283 38.87 -18.96 -11.91
C ASP A 283 39.96 -19.64 -12.74
N SER A 284 39.76 -20.91 -13.07
CA SER A 284 40.74 -21.65 -13.85
C SER A 284 40.30 -23.04 -14.31
N GLU A 285 39.13 -23.14 -14.93
CA GLU A 285 38.66 -24.45 -15.39
C GLU A 285 37.39 -24.51 -16.24
N HIS A 286 37.39 -25.45 -17.18
CA HIS A 286 36.27 -25.72 -18.09
C HIS A 286 35.60 -24.47 -18.68
N ASN A 287 36.36 -23.79 -19.54
CA ASN A 287 35.93 -22.58 -20.21
C ASN A 287 34.64 -21.97 -19.70
N LYS A 288 33.54 -22.26 -20.39
CA LYS A 288 32.21 -21.75 -20.05
C LYS A 288 32.11 -21.18 -18.63
N LEU A 289 32.71 -21.85 -17.66
CA LEU A 289 32.69 -21.38 -16.28
C LEU A 289 33.37 -20.00 -16.21
N LYS A 290 34.56 -19.94 -15.62
CA LYS A 290 35.28 -18.66 -15.52
C LYS A 290 34.59 -17.58 -14.69
N ALA A 291 35.35 -16.98 -13.80
CA ALA A 291 34.86 -15.92 -12.92
C ALA A 291 34.05 -14.84 -13.67
N SER A 292 34.65 -14.27 -14.71
CA SER A 292 33.98 -13.22 -15.50
C SER A 292 32.61 -13.65 -15.98
N GLN A 293 32.33 -14.95 -15.95
CA GLN A 293 31.04 -15.43 -16.38
C GLN A 293 30.10 -15.48 -15.18
N ALA A 294 30.64 -15.89 -14.03
CA ALA A 294 29.84 -15.95 -12.82
C ALA A 294 29.33 -14.54 -12.58
N ARG A 295 30.20 -13.58 -12.88
CA ARG A 295 29.89 -12.17 -12.72
C ARG A 295 28.95 -11.70 -13.81
N ASP A 296 29.36 -11.81 -15.07
CA ASP A 296 28.49 -11.39 -16.16
C ASP A 296 27.09 -11.90 -15.87
N LEU A 297 27.00 -13.05 -15.23
CA LEU A 297 25.71 -13.60 -14.88
C LEU A 297 25.04 -12.51 -14.04
N LEU A 298 25.60 -12.26 -12.85
CA LEU A 298 25.07 -11.22 -11.98
C LEU A 298 24.78 -9.98 -12.80
N SER A 299 25.78 -9.58 -13.56
CA SER A 299 25.70 -8.41 -14.41
C SER A 299 24.36 -8.28 -15.09
N LYS A 300 23.67 -9.40 -15.33
CA LYS A 300 22.38 -9.37 -16.02
C LYS A 300 21.17 -9.63 -15.13
N MET A 301 21.42 -10.09 -13.90
CA MET A 301 20.36 -10.39 -12.92
C MET A 301 20.12 -9.19 -12.01
N LEU A 302 21.17 -8.76 -11.32
CA LEU A 302 21.09 -7.60 -10.44
C LEU A 302 20.79 -6.38 -11.29
N VAL A 303 19.54 -6.23 -11.69
CA VAL A 303 19.16 -5.11 -12.52
C VAL A 303 17.95 -4.38 -11.96
N ILE A 304 18.06 -3.05 -11.87
CA ILE A 304 16.97 -2.28 -11.31
C ILE A 304 15.74 -2.29 -12.20
N ASP A 305 15.92 -1.80 -13.43
CA ASP A 305 14.79 -1.75 -14.34
C ASP A 305 14.42 -3.20 -14.57
N ALA A 306 13.21 -3.56 -14.14
CA ALA A 306 12.71 -4.92 -14.27
C ALA A 306 12.70 -5.43 -15.71
N SER A 307 12.38 -4.55 -16.65
CA SER A 307 12.31 -4.92 -18.05
C SER A 307 13.64 -5.15 -18.78
N LYS A 308 14.75 -5.12 -18.05
CA LYS A 308 16.06 -5.37 -18.66
C LYS A 308 16.87 -6.39 -17.85
N ARG A 309 16.18 -7.33 -17.22
CA ARG A 309 16.82 -8.36 -16.40
C ARG A 309 16.77 -9.74 -17.03
N ILE A 310 17.95 -10.33 -17.21
CA ILE A 310 18.07 -11.66 -17.80
C ILE A 310 17.04 -12.64 -17.25
N SER A 311 15.99 -12.95 -18.02
CA SER A 311 14.99 -13.91 -17.53
C SER A 311 15.59 -15.30 -17.33
N VAL A 312 14.85 -16.15 -16.60
CA VAL A 312 15.27 -17.52 -16.28
C VAL A 312 15.96 -18.25 -17.44
N ASP A 313 15.20 -18.47 -18.52
CA ASP A 313 15.70 -19.16 -19.71
C ASP A 313 17.13 -18.74 -20.05
N GLU A 314 17.30 -17.47 -20.43
CA GLU A 314 18.58 -16.91 -20.81
C GLU A 314 19.63 -17.13 -19.73
N ALA A 315 19.17 -17.30 -18.49
CA ALA A 315 20.09 -17.54 -17.39
C ALA A 315 20.57 -18.97 -17.58
N LEU A 316 19.62 -19.89 -17.63
CA LEU A 316 19.94 -21.30 -17.85
C LEU A 316 20.73 -21.35 -19.14
N GLN A 317 20.34 -20.48 -20.07
CA GLN A 317 20.99 -20.36 -21.36
C GLN A 317 22.09 -19.32 -21.19
N HIS A 318 23.02 -19.59 -20.28
CA HIS A 318 24.12 -18.67 -20.04
C HIS A 318 25.39 -19.41 -19.69
N PRO A 319 26.50 -19.05 -20.34
CA PRO A 319 27.84 -19.60 -20.18
C PRO A 319 28.18 -20.24 -18.84
N TYR A 320 27.80 -19.59 -17.75
CA TYR A 320 28.10 -20.11 -16.42
C TYR A 320 27.20 -21.28 -16.06
N ILE A 321 25.91 -21.07 -16.24
CA ILE A 321 24.89 -22.07 -15.95
C ILE A 321 24.92 -23.19 -16.99
N ASN A 322 24.41 -22.88 -18.17
CA ASN A 322 24.31 -23.78 -19.32
C ASN A 322 25.00 -25.15 -19.30
N VAL A 323 26.26 -25.22 -18.92
CA VAL A 323 26.98 -26.50 -18.92
C VAL A 323 26.31 -27.66 -18.21
N TRP A 324 25.12 -27.45 -17.64
CA TRP A 324 24.41 -28.53 -16.97
C TRP A 324 23.03 -28.68 -17.61
N TYR A 325 22.79 -27.98 -18.71
CA TYR A 325 21.48 -28.03 -19.32
C TYR A 325 21.07 -29.46 -19.60
N ASP A 326 19.78 -29.68 -19.88
CA ASP A 326 19.24 -31.02 -20.18
C ASP A 326 17.72 -31.07 -20.15
N PRO A 327 17.08 -30.81 -21.28
CA PRO A 327 15.62 -30.78 -21.49
C PRO A 327 14.71 -31.54 -20.51
N SER A 328 15.18 -32.64 -19.94
CA SER A 328 14.34 -33.38 -19.01
C SER A 328 14.18 -32.70 -17.65
N GLU A 329 15.10 -31.78 -17.34
CA GLU A 329 15.07 -31.04 -16.07
C GLU A 329 15.37 -29.56 -16.32
N ALA A 330 14.53 -28.93 -17.13
CA ALA A 330 14.69 -27.52 -17.47
C ALA A 330 13.52 -27.13 -18.35
N GLU A 331 13.38 -27.82 -19.47
CA GLU A 331 12.26 -27.58 -20.39
C GLU A 331 11.16 -28.51 -19.92
N ALA A 332 11.37 -29.02 -18.71
CA ALA A 332 10.46 -29.95 -18.04
C ALA A 332 8.99 -29.62 -18.24
N PRO A 333 8.15 -30.66 -18.27
CA PRO A 333 6.70 -30.52 -18.45
C PRO A 333 6.15 -29.45 -17.53
N PRO A 334 5.26 -28.61 -18.04
CA PRO A 334 4.66 -27.53 -17.23
C PRO A 334 3.72 -28.02 -16.13
N PRO A 335 3.99 -27.65 -14.86
CA PRO A 335 3.16 -28.05 -13.71
C PRO A 335 1.76 -27.44 -13.81
N LYS A 336 0.88 -28.12 -14.53
CA LYS A 336 -0.49 -27.68 -14.78
C LYS A 336 -1.42 -27.48 -13.57
N ILE A 337 -2.19 -26.40 -13.63
CA ILE A 337 -3.14 -26.01 -12.58
C ILE A 337 -4.59 -26.29 -12.97
N PRO A 338 -5.43 -26.62 -11.99
CA PRO A 338 -6.85 -26.91 -12.23
C PRO A 338 -7.61 -25.73 -12.83
N ASP A 339 -8.52 -25.15 -12.06
CA ASP A 339 -9.31 -24.02 -12.54
C ASP A 339 -10.15 -23.46 -11.39
N LYS A 340 -9.57 -23.47 -10.19
CA LYS A 340 -10.27 -23.00 -9.00
C LYS A 340 -9.50 -21.89 -8.30
N GLN A 341 -8.17 -21.93 -8.43
CA GLN A 341 -7.33 -20.96 -7.77
C GLN A 341 -7.79 -19.52 -7.97
N LEU A 342 -7.75 -18.76 -6.89
CA LEU A 342 -8.19 -17.37 -6.91
C LEU A 342 -7.15 -16.40 -6.35
N ASP A 343 -6.59 -15.56 -7.22
CA ASP A 343 -5.59 -14.59 -6.81
C ASP A 343 -6.20 -13.19 -6.69
N GLU A 344 -7.38 -13.01 -7.28
CA GLU A 344 -8.10 -11.74 -7.22
C GLU A 344 -9.51 -12.04 -6.70
N ARG A 345 -9.56 -12.77 -5.58
CA ARG A 345 -10.84 -13.16 -4.98
C ARG A 345 -10.61 -13.62 -3.54
N GLU A 346 -11.50 -13.21 -2.64
CA GLU A 346 -11.39 -13.58 -1.24
C GLU A 346 -12.75 -13.96 -0.65
N HIS A 347 -12.74 -14.64 0.49
CA HIS A 347 -13.97 -15.10 1.13
C HIS A 347 -14.05 -14.79 2.62
N THR A 348 -14.78 -15.65 3.34
CA THR A 348 -14.95 -15.53 4.80
C THR A 348 -13.95 -16.50 5.43
N ILE A 349 -13.91 -16.57 6.75
CA ILE A 349 -13.00 -17.52 7.38
C ILE A 349 -13.75 -18.85 7.49
N GLU A 350 -15.06 -18.76 7.66
CA GLU A 350 -15.92 -19.94 7.75
C GLU A 350 -16.01 -20.57 6.37
N GLU A 351 -15.50 -19.84 5.38
CA GLU A 351 -15.51 -20.30 4.01
C GLU A 351 -14.15 -20.92 3.71
N TRP A 352 -13.07 -20.24 4.11
CA TRP A 352 -11.73 -20.79 3.89
C TRP A 352 -11.69 -22.11 4.63
N LYS A 353 -12.43 -22.19 5.74
CA LYS A 353 -12.52 -23.41 6.52
C LYS A 353 -13.10 -24.49 5.61
N GLU A 354 -14.38 -24.37 5.26
CA GLU A 354 -15.02 -25.33 4.36
C GLU A 354 -14.05 -25.63 3.24
N LEU A 355 -13.63 -24.58 2.53
CA LEU A 355 -12.70 -24.76 1.43
C LEU A 355 -11.41 -25.44 1.85
N ILE A 356 -10.72 -24.90 2.85
CA ILE A 356 -9.45 -25.49 3.31
C ILE A 356 -9.61 -26.88 3.90
N TYR A 357 -10.70 -27.09 4.67
CA TYR A 357 -11.00 -28.38 5.29
C TYR A 357 -11.32 -29.39 4.20
N LYS A 358 -12.07 -28.94 3.20
CA LYS A 358 -12.45 -29.78 2.07
C LYS A 358 -11.22 -29.89 1.15
N GLU A 359 -10.14 -29.22 1.55
CA GLU A 359 -8.91 -29.25 0.78
C GLU A 359 -7.87 -30.12 1.46
N VAL A 360 -8.25 -30.70 2.59
CA VAL A 360 -7.36 -31.59 3.32
C VAL A 360 -8.02 -32.97 3.21
N MET A 361 -8.96 -33.24 4.11
CA MET A 361 -9.71 -34.50 4.14
C MET A 361 -9.18 -35.58 3.24
N ASP A 362 -9.80 -35.69 2.07
CA ASP A 362 -9.46 -36.65 1.03
C ASP A 362 -8.01 -37.11 1.09
N LEU A 363 -7.13 -36.20 1.47
CA LEU A 363 -5.71 -36.47 1.56
C LEU A 363 -5.28 -37.33 2.76
N GLU A 364 -4.58 -38.41 2.44
CA GLU A 364 -4.03 -39.35 3.41
C GLU A 364 -3.56 -40.60 2.66
N HIS A 365 -2.54 -40.51 1.96
N PRO B 2 32.03 -33.27 -19.01
CA PRO B 2 32.29 -32.48 -17.78
C PRO B 2 31.61 -33.10 -16.56
N LYS B 3 30.33 -33.40 -16.70
CA LYS B 3 29.51 -33.99 -15.64
C LYS B 3 29.57 -33.32 -14.28
N ARG B 4 28.38 -33.03 -13.77
CA ARG B 4 28.16 -32.38 -12.48
C ARG B 4 28.75 -33.16 -11.31
N PRO B 5 28.99 -32.48 -10.18
CA PRO B 5 29.55 -33.09 -8.97
C PRO B 5 28.41 -33.71 -8.17
N THR B 6 28.76 -34.46 -7.12
CA THR B 6 27.74 -35.07 -6.29
C THR B 6 28.16 -35.14 -4.83
N THR B 7 28.89 -34.11 -4.39
CA THR B 7 29.37 -34.02 -3.02
C THR B 7 29.03 -32.61 -2.49
N LEU B 8 29.48 -32.30 -1.28
CA LEU B 8 29.24 -31.00 -0.65
C LEU B 8 29.51 -31.16 0.86
N ASN B 9 30.76 -31.02 1.27
CA ASN B 9 31.11 -31.19 2.68
C ASN B 9 30.41 -30.18 3.58
N LEU B 10 29.23 -30.55 4.08
CA LEU B 10 28.46 -29.68 4.96
C LEU B 10 28.80 -29.94 6.43
N PHE B 11 29.91 -29.37 6.89
CA PHE B 11 30.34 -29.53 8.28
C PHE B 11 30.71 -28.17 8.88
N ASP C 7 -31.88 16.04 -26.80
CA ASP C 7 -30.73 15.71 -27.69
C ASP C 7 -30.20 16.94 -28.42
N ASN C 8 -31.10 17.69 -29.07
CA ASN C 8 -30.69 18.89 -29.81
C ASN C 8 -30.67 20.16 -28.94
N ASN C 9 -30.47 19.97 -27.64
CA ASN C 9 -30.39 21.07 -26.68
C ASN C 9 -29.18 20.82 -25.80
N PHE C 10 -28.37 19.85 -26.23
CA PHE C 10 -27.14 19.46 -25.54
C PHE C 10 -25.96 19.88 -26.42
N TYR C 11 -25.10 20.77 -25.91
CA TYR C 11 -23.95 21.18 -26.70
C TYR C 11 -22.62 20.91 -26.03
N SER C 12 -21.54 21.18 -26.75
CA SER C 12 -20.20 20.95 -26.25
C SER C 12 -19.40 22.24 -26.14
N VAL C 13 -18.27 22.18 -25.45
CA VAL C 13 -17.39 23.32 -25.27
C VAL C 13 -15.93 22.89 -25.10
N GLU C 14 -15.02 23.60 -25.75
CA GLU C 14 -13.61 23.28 -25.65
C GLU C 14 -13.01 23.81 -24.35
N ILE C 15 -13.20 23.07 -23.27
CA ILE C 15 -12.67 23.44 -21.96
C ILE C 15 -11.24 22.97 -21.81
N GLY C 16 -10.31 23.73 -22.37
CA GLY C 16 -8.91 23.37 -22.26
C GLY C 16 -8.56 22.14 -23.09
N ASP C 17 -8.65 20.97 -22.47
CA ASP C 17 -8.30 19.75 -23.18
C ASP C 17 -9.41 18.73 -23.40
N SER C 18 -10.56 18.91 -22.75
CA SER C 18 -11.63 17.92 -22.93
C SER C 18 -12.85 18.47 -23.66
N THR C 19 -14.01 17.91 -23.35
CA THR C 19 -15.25 18.31 -24.00
C THR C 19 -16.45 18.34 -23.06
N PHE C 20 -16.65 19.46 -22.36
CA PHE C 20 -17.80 19.58 -21.47
C PHE C 20 -19.04 19.61 -22.36
N THR C 21 -19.97 18.71 -22.10
CA THR C 21 -21.19 18.65 -22.88
C THR C 21 -22.37 18.91 -21.95
N VAL C 22 -22.40 20.12 -21.40
CA VAL C 22 -23.45 20.56 -20.48
C VAL C 22 -24.72 20.96 -21.20
N LEU C 23 -25.83 20.99 -20.47
CA LEU C 23 -27.10 21.41 -21.04
C LEU C 23 -26.91 22.85 -21.49
N LYS C 24 -27.58 23.23 -22.57
CA LYS C 24 -27.48 24.58 -23.11
C LYS C 24 -27.79 25.65 -22.05
N ARG C 25 -28.73 25.35 -21.17
CA ARG C 25 -29.09 26.31 -20.12
C ARG C 25 -27.91 26.84 -19.31
N TYR C 26 -26.75 26.22 -19.45
CA TYR C 26 -25.59 26.68 -18.70
C TYR C 26 -24.60 27.42 -19.58
N GLN C 27 -25.12 28.16 -20.56
CA GLN C 27 -24.26 28.91 -21.46
C GLN C 27 -23.07 29.51 -20.70
N ASN C 28 -21.96 29.70 -21.41
CA ASN C 28 -20.74 30.26 -20.82
C ASN C 28 -20.17 29.22 -19.88
N LEU C 29 -18.95 28.78 -20.16
CA LEU C 29 -18.30 27.79 -19.31
C LEU C 29 -16.88 28.24 -18.99
N LYS C 30 -16.68 28.70 -17.77
CA LYS C 30 -15.38 29.19 -17.33
C LYS C 30 -14.66 28.13 -16.49
N PRO C 31 -13.65 27.45 -17.05
CA PRO C 31 -12.98 26.45 -16.22
C PRO C 31 -12.42 27.17 -15.00
N ILE C 32 -12.97 26.84 -13.84
CA ILE C 32 -12.57 27.45 -12.59
C ILE C 32 -11.36 26.67 -12.09
N GLY C 33 -11.40 25.36 -12.30
CA GLY C 33 -10.30 24.53 -11.89
C GLY C 33 -10.41 23.08 -12.32
N SER C 34 -9.73 22.22 -11.57
CA SER C 34 -9.73 20.78 -11.81
C SER C 34 -9.76 20.11 -10.44
N GLY C 35 -10.96 19.75 -9.98
CA GLY C 35 -11.12 19.11 -8.69
C GLY C 35 -10.40 17.78 -8.58
N ALA C 36 -10.40 17.22 -7.38
CA ALA C 36 -9.75 15.94 -7.12
C ALA C 36 -10.67 14.77 -7.39
N GLN C 37 -11.45 14.86 -8.47
CA GLN C 37 -12.38 13.79 -8.84
C GLN C 37 -13.13 14.13 -10.14
N GLY C 38 -12.83 15.30 -10.70
CA GLY C 38 -13.48 15.70 -11.94
C GLY C 38 -13.12 17.12 -12.31
N ILE C 39 -13.61 17.57 -13.46
CA ILE C 39 -13.34 18.93 -13.93
C ILE C 39 -14.45 19.86 -13.45
N VAL C 40 -14.13 21.13 -13.33
CA VAL C 40 -15.11 22.08 -12.86
C VAL C 40 -15.06 23.44 -13.56
N CYS C 41 -16.17 23.84 -14.19
CA CYS C 41 -16.24 25.12 -14.87
C CYS C 41 -17.15 26.05 -14.07
N ALA C 42 -17.10 27.34 -14.37
CA ALA C 42 -17.91 28.33 -13.67
C ALA C 42 -19.11 28.76 -14.49
N ALA C 43 -19.70 27.81 -15.20
CA ALA C 43 -20.86 28.09 -16.04
C ALA C 43 -21.87 29.04 -15.40
N TYR C 44 -22.55 29.82 -16.25
CA TYR C 44 -23.56 30.76 -15.81
C TYR C 44 -24.94 30.19 -16.13
N ASP C 45 -25.66 29.79 -15.09
CA ASP C 45 -26.99 29.23 -15.24
C ASP C 45 -27.90 30.35 -15.68
N ALA C 46 -28.46 30.23 -16.89
CA ALA C 46 -29.35 31.26 -17.43
C ALA C 46 -30.81 31.09 -17.02
N ILE C 47 -31.13 29.92 -16.48
CA ILE C 47 -32.49 29.62 -16.03
C ILE C 47 -32.68 30.01 -14.57
N LEU C 48 -31.56 30.27 -13.92
CA LEU C 48 -31.53 30.68 -12.52
C LEU C 48 -31.01 32.10 -12.41
N GLU C 49 -30.25 32.52 -13.41
CA GLU C 49 -29.70 33.87 -13.44
C GLU C 49 -28.67 34.07 -12.32
N ARG C 50 -27.91 33.02 -12.02
CA ARG C 50 -26.86 33.10 -11.02
C ARG C 50 -25.80 32.10 -11.38
N ASN C 51 -24.53 32.49 -11.23
CA ASN C 51 -23.41 31.64 -11.59
C ASN C 51 -23.28 30.34 -10.80
N VAL C 52 -22.65 29.36 -11.43
CA VAL C 52 -22.50 28.06 -10.79
C VAL C 52 -21.23 27.31 -11.16
N ALA C 53 -21.08 26.11 -10.59
CA ALA C 53 -19.95 25.24 -10.84
C ALA C 53 -20.51 23.96 -11.42
N ILE C 54 -19.73 23.30 -12.25
CA ILE C 54 -20.18 22.06 -12.84
C ILE C 54 -19.06 21.04 -12.87
N LYS C 55 -19.28 19.92 -12.20
CA LYS C 55 -18.27 18.88 -12.13
C LYS C 55 -18.55 17.88 -13.23
N LYS C 56 -17.60 17.68 -14.13
CA LYS C 56 -17.80 16.69 -15.17
C LYS C 56 -17.11 15.48 -14.56
N LEU C 57 -17.82 14.36 -14.48
CA LEU C 57 -17.20 13.20 -13.91
C LEU C 57 -16.31 12.51 -14.92
N SER C 58 -15.00 12.73 -14.73
CA SER C 58 -13.96 12.17 -15.57
C SER C 58 -13.93 10.65 -15.38
N ARG C 59 -14.62 9.93 -16.27
CA ARG C 59 -14.69 8.48 -16.19
C ARG C 59 -15.31 8.09 -14.86
N PRO C 60 -16.64 7.96 -14.82
CA PRO C 60 -17.40 7.60 -13.62
C PRO C 60 -17.11 6.17 -13.19
N PHE C 61 -16.84 5.31 -14.17
CA PHE C 61 -16.55 3.92 -13.91
C PHE C 61 -15.37 3.47 -14.77
N GLN C 62 -14.34 4.31 -14.85
CA GLN C 62 -13.16 3.93 -15.63
C GLN C 62 -12.76 2.57 -15.04
N ASN C 63 -12.66 2.51 -13.73
CA ASN C 63 -12.32 1.29 -13.01
C ASN C 63 -13.00 1.30 -11.63
N GLN C 64 -13.12 0.12 -11.03
CA GLN C 64 -13.78 -0.06 -9.74
C GLN C 64 -13.49 1.03 -8.70
N THR C 65 -12.22 1.40 -8.56
CA THR C 65 -11.85 2.42 -7.57
C THR C 65 -12.24 3.83 -7.99
N HIS C 66 -11.66 4.31 -9.09
CA HIS C 66 -11.93 5.64 -9.62
C HIS C 66 -13.40 5.83 -9.97
N ALA C 67 -14.26 4.99 -9.39
CA ALA C 67 -15.69 5.02 -9.65
C ALA C 67 -16.52 5.04 -8.38
N LYS C 68 -16.11 4.21 -7.42
CA LYS C 68 -16.83 4.13 -6.15
C LYS C 68 -16.91 5.52 -5.53
N ARG C 69 -15.85 6.30 -5.69
CA ARG C 69 -15.80 7.66 -5.15
C ARG C 69 -16.77 8.52 -5.93
N ALA C 70 -16.87 8.23 -7.23
CA ALA C 70 -17.80 8.95 -8.09
C ALA C 70 -19.18 8.78 -7.47
N TYR C 71 -19.44 7.58 -6.97
CA TYR C 71 -20.70 7.26 -6.33
C TYR C 71 -20.80 8.06 -5.04
N ARG C 72 -20.18 7.52 -3.99
CA ARG C 72 -20.16 8.15 -2.67
C ARG C 72 -20.26 9.67 -2.70
N GLU C 73 -19.49 10.31 -3.58
CA GLU C 73 -19.55 11.78 -3.69
C GLU C 73 -20.95 12.17 -4.13
N LEU C 74 -21.35 11.64 -5.27
CA LEU C 74 -22.66 11.90 -5.84
C LEU C 74 -23.75 11.76 -4.78
N VAL C 75 -24.04 10.53 -4.37
CA VAL C 75 -25.06 10.32 -3.37
C VAL C 75 -24.97 11.32 -2.21
N LEU C 76 -23.76 11.60 -1.74
CA LEU C 76 -23.56 12.53 -0.62
C LEU C 76 -24.13 13.92 -0.89
N MET C 77 -23.85 14.46 -2.07
CA MET C 77 -24.36 15.77 -2.45
C MET C 77 -25.87 15.75 -2.32
N LYS C 78 -26.45 14.68 -2.86
CA LYS C 78 -27.89 14.45 -2.86
C LYS C 78 -28.48 14.47 -1.46
N CYS C 79 -27.83 13.76 -0.54
CA CYS C 79 -28.28 13.62 0.84
C CYS C 79 -28.00 14.75 1.82
N VAL C 80 -26.74 15.21 1.87
CA VAL C 80 -26.35 16.26 2.80
C VAL C 80 -26.99 17.62 2.49
N ASN C 81 -27.34 18.34 3.56
CA ASN C 81 -27.97 19.65 3.43
C ASN C 81 -27.65 20.55 4.64
N HIS C 82 -26.62 21.39 4.51
CA HIS C 82 -26.21 22.28 5.61
C HIS C 82 -25.78 23.69 5.19
N LYS C 83 -26.00 24.65 6.07
CA LYS C 83 -25.67 26.05 5.85
C LYS C 83 -24.18 26.35 5.64
N ASN C 84 -23.36 25.31 5.62
CA ASN C 84 -21.92 25.47 5.43
C ASN C 84 -21.38 24.49 4.41
N ILE C 85 -22.26 23.75 3.77
CA ILE C 85 -21.83 22.76 2.77
C ILE C 85 -22.37 23.05 1.40
N ILE C 86 -21.46 23.09 0.43
CA ILE C 86 -21.80 23.35 -0.96
C ILE C 86 -23.08 22.64 -1.42
N GLY C 87 -24.12 23.42 -1.67
CA GLY C 87 -25.40 22.87 -2.08
C GLY C 87 -25.39 22.16 -3.42
N LEU C 88 -26.48 21.46 -3.70
CA LEU C 88 -26.60 20.72 -4.95
C LEU C 88 -27.63 21.34 -5.89
N LEU C 89 -27.14 22.03 -6.90
CA LEU C 89 -28.00 22.70 -7.87
C LEU C 89 -28.59 21.73 -8.87
N ASN C 90 -27.83 20.68 -9.20
CA ASN C 90 -28.30 19.71 -10.17
C ASN C 90 -27.22 18.71 -10.59
N VAL C 91 -27.68 17.67 -11.27
CA VAL C 91 -26.81 16.62 -11.80
C VAL C 91 -27.59 16.13 -13.01
N PHE C 92 -26.91 15.78 -14.09
CA PHE C 92 -27.60 15.33 -15.30
C PHE C 92 -26.62 14.64 -16.21
N THR C 93 -27.13 13.93 -17.21
CA THR C 93 -26.23 13.29 -18.16
C THR C 93 -26.79 13.42 -19.56
N PRO C 94 -25.92 13.78 -20.51
CA PRO C 94 -26.16 13.98 -21.93
C PRO C 94 -26.37 12.68 -22.69
N GLN C 95 -26.04 11.57 -22.06
CA GLN C 95 -26.22 10.28 -22.70
C GLN C 95 -27.69 9.86 -22.67
N LYS C 96 -27.96 8.65 -23.15
CA LYS C 96 -29.32 8.13 -23.18
C LYS C 96 -29.46 6.82 -22.41
N SER C 97 -29.00 5.73 -23.00
CA SER C 97 -29.10 4.42 -22.35
C SER C 97 -27.77 3.91 -21.81
N LEU C 98 -27.86 3.16 -20.70
CA LEU C 98 -26.70 2.59 -20.01
C LEU C 98 -25.47 2.26 -20.87
N GLU C 99 -25.58 1.27 -21.75
CA GLU C 99 -24.44 0.89 -22.58
C GLU C 99 -23.83 2.14 -23.21
N GLU C 100 -24.70 2.99 -23.77
CA GLU C 100 -24.27 4.23 -24.39
C GLU C 100 -24.17 5.31 -23.31
N PHE C 101 -23.37 5.05 -22.28
CA PHE C 101 -23.19 5.99 -21.18
C PHE C 101 -21.75 6.50 -21.22
N GLN C 102 -21.58 7.82 -21.20
CA GLN C 102 -20.25 8.40 -21.24
C GLN C 102 -19.83 8.97 -19.89
N ASP C 103 -20.31 10.17 -19.57
CA ASP C 103 -19.94 10.77 -18.29
C ASP C 103 -21.11 11.35 -17.51
N VAL C 104 -20.82 11.90 -16.35
CA VAL C 104 -21.83 12.51 -15.49
C VAL C 104 -21.44 13.93 -15.12
N TYR C 105 -22.42 14.84 -15.12
CA TYR C 105 -22.18 16.25 -14.79
C TYR C 105 -22.99 16.64 -13.58
N ILE C 106 -22.32 17.24 -12.61
CA ILE C 106 -22.96 17.64 -11.35
C ILE C 106 -22.98 19.12 -11.10
N VAL C 107 -24.05 19.80 -11.53
CA VAL C 107 -24.18 21.25 -11.33
C VAL C 107 -24.28 21.54 -9.86
N MET C 108 -23.90 22.75 -9.42
CA MET C 108 -23.94 23.02 -7.99
C MET C 108 -23.44 24.40 -7.55
N GLU C 109 -23.91 24.82 -6.37
CA GLU C 109 -23.55 26.09 -5.75
C GLU C 109 -22.12 26.57 -6.01
N LEU C 110 -22.00 27.89 -6.17
CA LEU C 110 -20.71 28.54 -6.44
C LEU C 110 -20.55 29.79 -5.57
N MET C 111 -19.34 29.97 -5.03
CA MET C 111 -19.03 31.10 -4.16
C MET C 111 -18.26 32.20 -4.85
N ASP C 112 -17.26 32.75 -4.15
CA ASP C 112 -16.47 33.83 -4.69
C ASP C 112 -15.06 33.43 -5.00
N ALA C 113 -14.40 32.82 -4.03
CA ALA C 113 -13.03 32.38 -4.19
C ALA C 113 -12.68 31.39 -3.09
N ASN C 114 -11.94 30.36 -3.45
CA ASN C 114 -11.55 29.33 -2.51
C ASN C 114 -10.80 29.92 -1.34
N LEU C 115 -10.77 29.18 -0.24
CA LEU C 115 -10.12 29.59 0.99
C LEU C 115 -8.71 30.10 0.75
N CYS C 116 -8.16 29.81 -0.43
CA CYS C 116 -6.81 30.25 -0.77
C CYS C 116 -6.57 31.73 -0.53
N GLN C 117 -7.45 32.58 -1.02
CA GLN C 117 -7.30 34.03 -0.84
C GLN C 117 -6.96 34.39 0.61
N VAL C 118 -7.96 34.31 1.47
CA VAL C 118 -7.77 34.64 2.87
C VAL C 118 -6.37 34.27 3.36
N ILE C 119 -5.87 33.13 2.92
CA ILE C 119 -4.54 32.73 3.37
C ILE C 119 -3.60 33.90 3.19
N GLN C 120 -3.80 34.69 2.14
CA GLN C 120 -2.93 35.82 1.90
C GLN C 120 -3.53 37.18 2.23
N MET C 121 -3.93 37.38 3.49
CA MET C 121 -4.50 38.68 3.89
C MET C 121 -4.65 38.92 5.40
N GLU C 122 -4.24 40.11 5.83
CA GLU C 122 -4.32 40.48 7.23
C GLU C 122 -5.72 40.18 7.72
N LEU C 123 -5.85 39.88 9.01
CA LEU C 123 -7.15 39.60 9.57
C LEU C 123 -7.35 40.13 10.96
N ASP C 124 -8.48 39.73 11.52
CA ASP C 124 -8.88 40.08 12.87
C ASP C 124 -9.53 38.81 13.38
N HIS C 125 -9.05 38.36 14.54
CA HIS C 125 -9.57 37.14 15.16
C HIS C 125 -10.98 36.85 14.72
N GLU C 126 -11.84 37.85 14.86
CA GLU C 126 -13.24 37.74 14.47
C GLU C 126 -13.41 37.06 13.10
N ARG C 127 -13.24 37.85 12.03
CA ARG C 127 -13.39 37.33 10.68
C ARG C 127 -12.69 35.98 10.52
N MET C 128 -11.46 35.87 11.00
CA MET C 128 -10.76 34.59 10.91
C MET C 128 -11.52 33.51 11.66
N SER C 129 -11.62 33.71 12.97
CA SER C 129 -12.32 32.79 13.84
C SER C 129 -13.70 32.45 13.29
N TYR C 130 -14.38 33.45 12.73
CA TYR C 130 -15.70 33.20 12.19
C TYR C 130 -15.62 32.21 11.05
N LEU C 131 -14.48 32.19 10.39
CA LEU C 131 -14.26 31.24 9.32
C LEU C 131 -14.06 29.91 10.03
N LEU C 132 -12.86 29.73 10.60
CA LEU C 132 -12.54 28.51 11.32
C LEU C 132 -13.82 27.94 11.90
N TYR C 133 -14.53 28.78 12.65
CA TYR C 133 -15.78 28.35 13.26
C TYR C 133 -16.77 27.88 12.20
N GLN C 134 -17.11 28.79 11.28
CA GLN C 134 -18.06 28.50 10.22
C GLN C 134 -17.57 27.32 9.37
N MET C 135 -16.32 26.92 9.60
CA MET C 135 -15.73 25.81 8.87
C MET C 135 -16.03 24.56 9.67
N LEU C 136 -15.78 24.63 10.96
CA LEU C 136 -16.05 23.51 11.83
C LEU C 136 -17.51 23.11 11.68
N CYS C 137 -18.41 24.08 11.84
CA CYS C 137 -19.85 23.83 11.73
C CYS C 137 -20.25 22.87 10.62
N GLY C 138 -19.65 23.01 9.45
CA GLY C 138 -19.96 22.10 8.37
C GLY C 138 -19.36 20.74 8.70
N ILE C 139 -18.04 20.71 8.84
CA ILE C 139 -17.30 19.50 9.18
C ILE C 139 -18.10 18.63 10.11
N LYS C 140 -18.55 19.21 11.23
CA LYS C 140 -19.33 18.49 12.22
C LYS C 140 -20.48 17.76 11.55
N HIS C 141 -21.32 18.52 10.85
CA HIS C 141 -22.47 17.97 10.17
C HIS C 141 -22.13 16.66 9.47
N LEU C 142 -20.84 16.45 9.22
CA LEU C 142 -20.38 15.24 8.56
C LEU C 142 -20.00 14.21 9.63
N HIS C 143 -19.36 14.69 10.69
CA HIS C 143 -18.98 13.80 11.78
C HIS C 143 -20.19 13.58 12.70
N SER C 144 -21.34 14.07 12.25
CA SER C 144 -22.59 13.90 13.00
C SER C 144 -23.30 12.73 12.32
N ALA C 145 -22.75 12.36 11.17
CA ALA C 145 -23.26 11.25 10.39
C ALA C 145 -22.13 10.25 10.31
N GLY C 146 -21.09 10.52 11.11
CA GLY C 146 -19.94 9.65 11.13
C GLY C 146 -19.12 9.77 9.86
N ILE C 147 -19.56 10.63 8.95
CA ILE C 147 -18.85 10.84 7.69
C ILE C 147 -17.54 11.60 7.91
N ILE C 148 -16.52 11.23 7.17
CA ILE C 148 -15.24 11.92 7.28
C ILE C 148 -14.86 12.42 5.92
N HIS C 149 -14.41 13.67 5.84
CA HIS C 149 -14.06 14.24 4.56
C HIS C 149 -12.72 13.74 4.09
N ARG C 150 -11.75 13.80 5.01
CA ARG C 150 -10.40 13.35 4.74
C ARG C 150 -9.52 14.26 3.92
N ASP C 151 -10.12 15.16 3.15
CA ASP C 151 -9.34 16.09 2.34
C ASP C 151 -9.86 17.50 2.52
N LEU C 152 -9.13 18.29 3.31
CA LEU C 152 -9.54 19.64 3.57
C LEU C 152 -8.46 20.66 3.20
N LYS C 153 -7.83 20.50 2.05
CA LYS C 153 -6.84 21.47 1.65
C LYS C 153 -7.64 22.77 1.58
N PRO C 154 -6.99 23.93 1.73
CA PRO C 154 -7.75 25.17 1.67
C PRO C 154 -8.65 25.12 0.46
N SER C 155 -8.03 24.86 -0.67
CA SER C 155 -8.69 24.78 -1.97
C SER C 155 -10.06 24.12 -2.02
N ASN C 156 -10.41 23.35 -1.00
CA ASN C 156 -11.71 22.66 -0.95
C ASN C 156 -12.70 23.49 -0.15
N ILE C 157 -12.17 24.57 0.43
CA ILE C 157 -12.95 25.49 1.24
C ILE C 157 -13.20 26.75 0.43
N VAL C 158 -14.40 27.29 0.51
CA VAL C 158 -14.75 28.49 -0.24
C VAL C 158 -15.48 29.51 0.62
N VAL C 159 -15.34 30.79 0.28
CA VAL C 159 -15.99 31.85 1.05
C VAL C 159 -16.70 32.86 0.15
N LYS C 160 -17.55 33.69 0.77
CA LYS C 160 -18.28 34.70 0.03
C LYS C 160 -17.96 36.09 0.55
N SER C 161 -18.21 37.10 -0.27
CA SER C 161 -17.94 38.50 0.07
C SER C 161 -18.43 38.83 1.47
N ASP C 162 -19.64 38.35 1.80
CA ASP C 162 -20.26 38.58 3.11
C ASP C 162 -19.66 37.69 4.20
N CYS C 163 -18.50 37.13 3.90
CA CYS C 163 -17.75 36.28 4.82
C CYS C 163 -18.32 34.89 5.09
N THR C 164 -19.35 34.49 4.35
CA THR C 164 -19.93 33.17 4.54
C THR C 164 -18.94 32.16 3.97
N LEU C 165 -18.88 30.95 4.54
CA LEU C 165 -17.97 29.92 4.05
C LEU C 165 -18.65 28.56 3.82
N LYS C 166 -18.04 27.74 2.98
CA LYS C 166 -18.58 26.43 2.67
C LYS C 166 -17.46 25.40 2.47
N ILE C 167 -17.84 24.15 2.24
CA ILE C 167 -16.83 23.11 2.05
C ILE C 167 -17.04 22.31 0.77
N LEU C 168 -15.97 21.74 0.24
CA LEU C 168 -16.06 21.00 -1.03
C LEU C 168 -15.99 19.48 -1.11
N ASP C 169 -16.00 19.04 -2.37
CA ASP C 169 -15.91 17.64 -2.78
C ASP C 169 -16.88 16.60 -2.25
N PHE C 170 -16.32 15.68 -1.47
CA PHE C 170 -17.02 14.53 -0.90
C PHE C 170 -16.43 13.37 -1.67
N GLY C 171 -15.61 13.69 -2.67
CA GLY C 171 -14.97 12.68 -3.48
C GLY C 171 -14.51 11.55 -2.61
N LEU C 172 -14.00 11.92 -1.44
CA LEU C 172 -13.50 10.93 -0.50
C LEU C 172 -14.34 10.77 0.74
N ALA C 173 -15.11 11.78 1.11
CA ALA C 173 -15.96 11.68 2.28
C ALA C 173 -16.45 10.25 2.44
N ARG C 174 -15.90 9.53 3.41
CA ARG C 174 -16.26 8.14 3.64
C ARG C 174 -16.58 7.82 5.09
N THR C 175 -17.31 6.73 5.31
CA THR C 175 -17.70 6.30 6.64
C THR C 175 -16.52 5.72 7.42
N ALA C 176 -16.16 6.40 8.50
CA ALA C 176 -15.08 6.02 9.40
C ALA C 176 -13.97 5.12 8.87
N GLY C 177 -13.24 4.52 9.81
CA GLY C 177 -12.15 3.64 9.44
C GLY C 177 -12.50 2.21 9.08
N THR C 178 -11.47 1.53 8.58
CA THR C 178 -11.50 0.14 8.16
C THR C 178 -10.05 -0.23 8.41
N SER C 179 -9.17 0.68 7.98
CA SER C 179 -7.72 0.53 8.11
C SER C 179 -7.09 1.62 7.27
N PHE C 180 -5.77 1.79 7.37
CA PHE C 180 -5.08 2.83 6.60
C PHE C 180 -5.47 2.80 5.14
N MET C 181 -5.51 3.97 4.52
CA MET C 181 -5.87 4.09 3.12
C MET C 181 -4.74 3.55 2.24
N MET C 182 -5.09 2.76 1.23
CA MET C 182 -4.12 2.17 0.30
C MET C 182 -3.63 3.24 -0.68
N GLU C 183 -4.56 4.10 -1.10
CA GLU C 183 -4.24 5.19 -2.02
C GLU C 183 -4.40 6.50 -1.26
N PRO C 184 -3.34 6.91 -0.54
CA PRO C 184 -3.32 8.15 0.25
C PRO C 184 -2.85 9.27 -0.66
N GLU C 185 -2.33 8.91 -1.82
CA GLU C 185 -1.84 9.88 -2.79
C GLU C 185 -2.88 10.97 -2.98
N VAL C 186 -4.12 10.65 -2.64
CA VAL C 186 -5.22 11.58 -2.76
C VAL C 186 -5.16 12.73 -1.74
N VAL C 187 -5.55 12.43 -0.50
CA VAL C 187 -5.52 13.42 0.56
C VAL C 187 -4.17 14.14 0.45
N THR C 188 -4.19 15.30 -0.19
CA THR C 188 -3.00 16.10 -0.44
C THR C 188 -1.94 16.14 0.66
N ARG C 189 -0.73 15.78 0.29
CA ARG C 189 0.40 15.72 1.21
C ARG C 189 0.36 16.65 2.41
N TYR C 190 0.89 17.84 2.25
CA TYR C 190 0.95 18.83 3.33
C TYR C 190 -0.11 18.68 4.42
N TYR C 191 -1.32 18.33 4.03
CA TYR C 191 -2.43 18.20 4.96
C TYR C 191 -2.85 16.79 5.42
N ARG C 192 -1.89 15.89 5.62
CA ARG C 192 -2.22 14.52 6.05
C ARG C 192 -1.79 14.28 7.46
N ALA C 193 -2.74 13.96 8.32
CA ALA C 193 -2.44 13.67 9.72
C ALA C 193 -1.63 12.37 9.81
N PRO C 194 -0.59 12.37 10.63
CA PRO C 194 0.28 11.22 10.83
C PRO C 194 -0.41 9.86 10.67
N GLU C 195 -1.69 9.79 11.04
CA GLU C 195 -2.40 8.53 10.88
C GLU C 195 -2.28 8.13 9.43
N VAL C 196 -2.61 9.06 8.55
CA VAL C 196 -2.53 8.79 7.13
C VAL C 196 -1.09 8.49 6.68
N ILE C 197 -0.21 9.49 6.84
CA ILE C 197 1.19 9.35 6.46
C ILE C 197 1.77 8.01 6.87
N LEU C 198 1.57 7.66 8.15
CA LEU C 198 2.08 6.41 8.71
C LEU C 198 1.29 5.14 8.41
N GLY C 199 0.11 5.29 7.82
CA GLY C 199 -0.69 4.12 7.52
C GLY C 199 -1.23 3.52 8.80
N MET C 200 -1.84 4.36 9.62
CA MET C 200 -2.44 3.89 10.86
C MET C 200 -3.92 3.90 10.59
N GLY C 201 -4.73 3.72 11.63
CA GLY C 201 -6.16 3.74 11.42
C GLY C 201 -6.49 5.21 11.19
N TYR C 202 -7.72 5.61 11.46
CA TYR C 202 -8.05 7.02 11.30
C TYR C 202 -9.47 7.39 11.72
N LYS C 203 -9.60 7.91 12.93
CA LYS C 203 -10.90 8.31 13.47
C LYS C 203 -11.24 9.70 12.95
N GLU C 204 -12.53 10.03 12.93
CA GLU C 204 -13.00 11.33 12.46
C GLU C 204 -12.04 12.42 12.87
N ASN C 205 -11.55 12.32 14.10
CA ASN C 205 -10.61 13.28 14.68
C ASN C 205 -9.47 13.73 13.76
N VAL C 206 -9.30 13.05 12.63
CA VAL C 206 -8.25 13.40 11.67
C VAL C 206 -8.51 14.71 10.94
N ASP C 207 -9.74 14.88 10.44
CA ASP C 207 -10.11 16.10 9.73
C ASP C 207 -9.64 17.28 10.53
N LEU C 208 -9.90 17.20 11.82
CA LEU C 208 -9.48 18.24 12.72
C LEU C 208 -8.03 18.58 12.40
N TRP C 209 -7.18 17.55 12.38
CA TRP C 209 -5.78 17.79 12.06
C TRP C 209 -5.60 18.51 10.74
N SER C 210 -6.50 18.31 9.78
CA SER C 210 -6.35 19.02 8.51
C SER C 210 -6.55 20.51 8.82
N VAL C 211 -7.68 20.80 9.47
CA VAL C 211 -8.09 22.15 9.88
C VAL C 211 -7.02 22.76 10.79
N GLY C 212 -6.07 21.94 11.20
CA GLY C 212 -5.01 22.43 12.04
C GLY C 212 -3.99 23.00 11.07
N CYS C 213 -3.74 22.27 10.00
CA CYS C 213 -2.79 22.74 9.02
C CYS C 213 -3.32 23.99 8.34
N ILE C 214 -4.63 24.15 8.34
CA ILE C 214 -5.23 25.31 7.71
C ILE C 214 -5.04 26.52 8.61
N MET C 215 -5.65 26.48 9.79
CA MET C 215 -5.52 27.59 10.71
C MET C 215 -4.06 27.95 10.95
N GLY C 216 -3.15 27.12 10.46
CA GLY C 216 -1.73 27.39 10.66
C GLY C 216 -1.21 28.03 9.40
N GLU C 217 -2.00 27.92 8.35
CA GLU C 217 -1.64 28.48 7.06
C GLU C 217 -2.27 29.86 7.02
N MET C 218 -3.45 29.98 7.62
CA MET C 218 -4.19 31.22 7.68
C MET C 218 -3.39 32.23 8.49
N VAL C 219 -2.51 31.71 9.33
CA VAL C 219 -1.70 32.56 10.19
C VAL C 219 -0.27 32.73 9.67
N CYS C 220 0.34 31.64 9.23
CA CYS C 220 1.70 31.71 8.71
C CYS C 220 1.73 32.38 7.37
N HIS C 221 0.64 32.21 6.60
CA HIS C 221 0.53 32.78 5.26
C HIS C 221 1.34 31.95 4.28
N LYS C 222 2.04 30.96 4.82
CA LYS C 222 2.87 30.05 4.01
C LYS C 222 2.39 28.64 4.33
N ILE C 223 2.63 27.69 3.44
CA ILE C 223 2.20 26.34 3.76
C ILE C 223 2.82 25.97 5.09
N LEU C 224 2.08 25.21 5.89
CA LEU C 224 2.55 24.80 7.20
C LEU C 224 3.61 23.71 7.13
N PHE C 225 3.19 22.52 6.72
CA PHE C 225 4.11 21.41 6.61
C PHE C 225 4.34 21.01 5.15
N PRO C 226 5.45 21.50 4.54
CA PRO C 226 5.86 21.24 3.14
C PRO C 226 6.44 19.84 2.96
N GLY C 227 6.73 19.45 1.73
CA GLY C 227 7.30 18.13 1.55
C GLY C 227 7.78 17.79 0.16
N ARG C 228 9.10 17.69 -0.02
CA ARG C 228 9.65 17.36 -1.32
C ARG C 228 9.05 16.03 -1.81
N ASP C 229 8.51 15.20 -0.90
CA ASP C 229 7.90 13.90 -1.26
C ASP C 229 7.11 13.26 -0.11
N TYR C 230 6.19 12.33 -0.44
CA TYR C 230 5.33 11.67 0.57
C TYR C 230 6.00 11.20 1.84
N ILE C 231 7.30 10.95 1.75
CA ILE C 231 8.11 10.52 2.87
C ILE C 231 8.64 11.73 3.61
N ASP C 232 9.33 12.62 2.90
CA ASP C 232 9.92 13.82 3.52
C ASP C 232 8.90 14.43 4.45
N GLN C 233 7.65 14.51 3.97
CA GLN C 233 6.54 15.04 4.73
C GLN C 233 6.68 14.80 6.25
N TRP C 234 6.96 13.55 6.62
CA TRP C 234 7.14 13.15 8.02
C TRP C 234 8.30 13.96 8.57
N ASN C 235 9.48 13.76 8.01
CA ASN C 235 10.61 14.50 8.49
C ASN C 235 10.23 15.95 8.72
N LYS C 236 9.25 16.47 8.00
CA LYS C 236 8.89 17.87 8.19
C LYS C 236 8.04 18.11 9.41
N VAL C 237 7.17 17.15 9.74
CA VAL C 237 6.33 17.25 10.92
C VAL C 237 7.21 17.01 12.14
N ILE C 238 7.90 15.88 12.14
CA ILE C 238 8.76 15.51 13.24
C ILE C 238 9.81 16.55 13.57
N GLU C 239 10.20 17.34 12.59
CA GLU C 239 11.19 18.37 12.84
C GLU C 239 10.49 19.50 13.59
N GLN C 240 9.30 19.84 13.09
CA GLN C 240 8.49 20.90 13.67
C GLN C 240 7.81 20.39 14.93
N LEU C 241 6.80 19.53 14.77
CA LEU C 241 6.06 19.01 15.91
C LEU C 241 6.84 18.16 16.93
N GLY C 242 8.00 17.63 16.55
CA GLY C 242 8.79 16.83 17.48
C GLY C 242 8.50 15.33 17.55
N THR C 243 9.50 14.52 17.25
CA THR C 243 9.41 13.06 17.29
C THR C 243 8.49 12.56 18.38
N PRO C 244 7.54 11.67 18.04
CA PRO C 244 6.54 11.05 18.90
C PRO C 244 7.11 10.25 20.07
N CYS C 245 6.27 10.02 21.06
CA CYS C 245 6.66 9.27 22.25
C CYS C 245 6.47 7.80 21.95
N PRO C 246 7.31 6.95 22.55
CA PRO C 246 7.17 5.53 22.29
C PRO C 246 5.78 4.97 22.40
N GLU C 247 4.91 5.55 23.22
CA GLU C 247 3.54 5.01 23.31
C GLU C 247 2.91 4.92 21.92
N PHE C 248 3.16 5.95 21.11
CA PHE C 248 2.66 6.09 19.75
C PHE C 248 3.46 5.23 18.78
N MET C 249 4.76 5.13 18.98
CA MET C 249 5.54 4.30 18.10
C MET C 249 4.93 2.90 18.13
N LYS C 250 4.80 2.35 19.33
CA LYS C 250 4.24 1.02 19.55
C LYS C 250 2.91 0.79 18.80
N LYS C 251 2.20 1.87 18.46
CA LYS C 251 0.92 1.77 17.76
C LYS C 251 1.12 1.75 16.26
N LEU C 252 2.37 1.84 15.84
CA LEU C 252 2.71 1.87 14.43
C LEU C 252 2.70 0.49 13.81
N GLN C 253 2.73 0.44 12.48
CA GLN C 253 2.79 -0.84 11.76
C GLN C 253 4.17 -1.43 12.04
N PRO C 254 4.23 -2.70 12.47
CA PRO C 254 5.52 -3.34 12.78
C PRO C 254 6.65 -3.13 11.75
N THR C 255 6.33 -2.65 10.55
CA THR C 255 7.34 -2.43 9.54
C THR C 255 7.56 -0.91 9.31
N VAL C 256 6.50 -0.12 9.43
CA VAL C 256 6.61 1.32 9.27
C VAL C 256 7.50 1.74 10.41
N ARG C 257 7.30 1.08 11.52
CA ARG C 257 8.05 1.35 12.74
C ARG C 257 9.55 1.26 12.50
N THR C 258 9.85 0.11 12.11
CA THR C 258 11.29 -0.13 12.03
C THR C 258 11.92 1.02 11.25
N TYR C 259 11.16 1.84 10.48
CA TYR C 259 11.58 3.08 9.84
C TYR C 259 11.52 4.23 10.83
N VAL C 260 10.30 4.69 11.09
CA VAL C 260 10.05 5.80 12.01
C VAL C 260 11.05 6.00 13.16
N GLU C 261 11.27 4.93 13.92
CA GLU C 261 12.17 4.97 15.06
C GLU C 261 13.60 5.08 14.62
N ASN C 262 13.81 4.90 13.32
CA ASN C 262 15.14 4.94 12.75
C ASN C 262 15.59 6.34 12.30
N ARG C 263 14.61 7.22 12.13
CA ARG C 263 14.89 8.61 11.77
C ARG C 263 15.69 9.15 12.95
N PRO C 264 15.93 10.45 13.01
CA PRO C 264 16.67 10.88 14.19
C PRO C 264 15.73 11.35 15.31
N LYS C 265 16.33 11.67 16.46
CA LYS C 265 15.57 12.17 17.60
C LYS C 265 15.32 13.62 17.24
N TYR C 266 14.06 14.05 17.26
CA TYR C 266 13.74 15.43 16.92
C TYR C 266 13.30 16.34 18.05
N ALA C 267 14.16 17.30 18.34
CA ALA C 267 13.97 18.32 19.35
C ALA C 267 12.51 18.79 19.32
N GLY C 268 12.16 19.63 18.36
CA GLY C 268 10.78 20.11 18.28
C GLY C 268 10.60 21.44 18.98
N TYR C 269 9.75 22.29 18.40
CA TYR C 269 9.51 23.60 18.98
C TYR C 269 8.16 23.72 19.71
N SER C 270 8.19 24.50 20.79
CA SER C 270 7.04 24.76 21.64
C SER C 270 5.98 25.50 20.86
N PHE C 271 4.73 25.07 20.99
CA PHE C 271 3.62 25.67 20.28
C PHE C 271 3.52 27.19 20.38
N GLU C 272 4.52 27.82 20.97
CA GLU C 272 4.54 29.28 21.12
C GLU C 272 5.54 29.86 20.11
N LYS C 273 6.74 29.28 20.10
CA LYS C 273 7.80 29.71 19.19
C LYS C 273 7.53 29.19 17.78
N LEU C 274 6.38 28.55 17.60
CA LEU C 274 5.99 28.02 16.30
C LEU C 274 5.07 29.09 15.76
N PHE C 275 4.30 29.68 16.66
CA PHE C 275 3.34 30.70 16.30
C PHE C 275 3.47 31.95 17.15
N PRO C 276 4.66 32.55 17.20
CA PRO C 276 4.95 33.77 17.98
C PRO C 276 3.82 34.79 17.96
N ASP C 277 3.69 35.55 19.05
CA ASP C 277 2.64 36.56 19.18
C ASP C 277 2.38 37.33 17.88
N VAL C 278 3.43 37.91 17.33
CA VAL C 278 3.33 38.68 16.10
C VAL C 278 2.34 38.13 15.06
N LEU C 279 2.81 37.23 14.21
CA LEU C 279 2.02 36.62 13.15
C LEU C 279 0.52 36.65 13.42
N PHE C 280 0.13 36.33 14.65
CA PHE C 280 -1.28 36.29 15.07
C PHE C 280 -2.01 37.63 14.95
N PRO C 281 -3.01 37.68 14.06
CA PRO C 281 -3.83 38.88 13.82
C PRO C 281 -4.14 39.71 15.07
N ALA C 282 -3.15 40.53 15.44
CA ALA C 282 -3.18 41.46 16.58
C ALA C 282 -4.29 41.30 17.61
N ASP C 283 -3.88 41.30 18.87
CA ASP C 283 -4.77 41.18 20.02
C ASP C 283 -5.90 42.22 19.96
N SER C 284 -6.88 42.05 20.83
CA SER C 284 -8.01 42.96 20.91
C SER C 284 -7.92 43.77 22.20
N GLU C 285 -9.07 43.93 22.85
CA GLU C 285 -9.15 44.68 24.10
C GLU C 285 -9.97 43.85 25.08
N HIS C 286 -10.71 42.87 24.56
CA HIS C 286 -11.56 41.99 25.36
C HIS C 286 -10.93 40.60 25.57
N ASN C 287 -11.76 39.61 25.83
CA ASN C 287 -11.28 38.25 26.08
C ASN C 287 -11.64 37.21 25.01
N LYS C 288 -11.16 35.99 25.22
CA LYS C 288 -11.38 34.85 24.33
C LYS C 288 -10.76 34.98 22.94
N LEU C 289 -10.62 36.21 22.46
CA LEU C 289 -10.02 36.45 21.15
C LEU C 289 -8.60 36.92 21.37
N LYS C 290 -7.93 36.26 22.31
CA LYS C 290 -6.56 36.58 22.63
C LYS C 290 -5.67 35.91 21.62
N ALA C 291 -4.52 36.51 21.37
CA ALA C 291 -3.56 35.93 20.46
C ALA C 291 -3.28 34.55 21.02
N SER C 292 -2.64 34.52 22.19
CA SER C 292 -2.31 33.26 22.83
C SER C 292 -3.54 32.50 23.33
N GLN C 293 -4.58 32.48 22.50
CA GLN C 293 -5.83 31.79 22.79
C GLN C 293 -6.06 30.84 21.61
N ALA C 294 -5.63 31.28 20.44
CA ALA C 294 -5.76 30.47 19.24
C ALA C 294 -4.54 29.59 19.27
N ARG C 295 -3.46 30.11 19.86
CA ARG C 295 -2.23 29.36 19.96
C ARG C 295 -2.47 28.22 20.93
N ASP C 296 -3.73 27.82 21.02
CA ASP C 296 -4.16 26.73 21.87
C ASP C 296 -4.91 25.77 20.94
N LEU C 297 -5.82 26.31 20.14
CA LEU C 297 -6.53 25.50 19.19
C LEU C 297 -5.40 24.85 18.43
N LEU C 298 -4.56 25.66 17.79
CA LEU C 298 -3.41 25.15 17.07
C LEU C 298 -2.70 24.07 17.91
N SER C 299 -2.30 24.43 19.13
CA SER C 299 -1.61 23.47 19.99
C SER C 299 -2.45 22.26 20.36
N LYS C 300 -3.78 22.37 20.28
CA LYS C 300 -4.67 21.26 20.62
C LYS C 300 -5.28 20.59 19.39
N MET C 301 -4.86 21.02 18.20
CA MET C 301 -5.35 20.46 16.93
C MET C 301 -4.21 19.78 16.22
N LEU C 302 -2.99 20.23 16.48
CA LEU C 302 -1.81 19.63 15.84
C LEU C 302 -1.13 18.65 16.78
N VAL C 303 -1.81 17.54 17.02
CA VAL C 303 -1.29 16.49 17.88
C VAL C 303 -0.69 15.39 17.02
N ILE C 304 0.64 15.25 17.07
CA ILE C 304 1.34 14.25 16.29
C ILE C 304 0.69 12.90 16.48
N ASP C 305 0.01 12.75 17.62
CA ASP C 305 -0.64 11.49 17.90
C ASP C 305 -1.88 11.35 17.06
N ALA C 306 -3.03 11.38 17.74
CA ALA C 306 -4.31 11.24 17.08
C ALA C 306 -5.37 11.19 18.15
N SER C 307 -5.11 10.44 19.21
CA SER C 307 -6.07 10.32 20.29
C SER C 307 -6.08 11.60 21.09
N LYS C 308 -4.89 12.08 21.45
CA LYS C 308 -4.75 13.31 22.24
C LYS C 308 -5.12 14.59 21.49
N ARG C 309 -5.81 14.44 20.36
CA ARG C 309 -6.16 15.61 19.56
C ARG C 309 -7.56 16.12 19.81
N ILE C 310 -7.72 17.44 19.78
CA ILE C 310 -9.02 18.06 20.00
C ILE C 310 -9.99 17.38 19.04
N SER C 311 -11.26 17.77 19.08
CA SER C 311 -12.22 17.16 18.17
C SER C 311 -13.19 18.18 17.60
N VAL C 312 -14.24 17.69 16.94
CA VAL C 312 -15.22 18.55 16.34
C VAL C 312 -15.96 19.36 17.41
N ASP C 313 -16.80 18.69 18.18
CA ASP C 313 -17.55 19.39 19.21
C ASP C 313 -16.70 19.81 20.40
N GLU C 314 -15.40 19.92 20.18
CA GLU C 314 -14.45 20.37 21.21
C GLU C 314 -13.84 21.66 20.67
N ALA C 315 -13.60 21.66 19.37
CA ALA C 315 -13.05 22.84 18.72
C ALA C 315 -14.18 23.84 18.76
N LEU C 316 -15.35 23.41 18.29
CA LEU C 316 -16.55 24.23 18.28
C LEU C 316 -16.78 24.76 19.68
N GLN C 317 -16.18 24.12 20.66
CA GLN C 317 -16.33 24.55 22.03
C GLN C 317 -15.09 25.29 22.50
N HIS C 318 -13.99 25.16 21.77
CA HIS C 318 -12.78 25.87 22.18
C HIS C 318 -13.11 27.36 22.20
N PRO C 319 -12.81 28.02 23.32
CA PRO C 319 -13.05 29.44 23.56
C PRO C 319 -12.81 30.34 22.37
N TYR C 320 -11.72 30.08 21.64
CA TYR C 320 -11.41 30.92 20.48
C TYR C 320 -12.54 30.86 19.46
N ILE C 321 -13.36 29.83 19.57
CA ILE C 321 -14.47 29.67 18.66
C ILE C 321 -15.77 29.92 19.38
N ASN C 322 -16.07 29.10 20.37
CA ASN C 322 -17.28 29.19 21.16
C ASN C 322 -17.99 30.53 20.93
N VAL C 323 -17.24 31.63 21.06
CA VAL C 323 -17.74 32.99 20.87
C VAL C 323 -19.07 33.12 20.13
N TRP C 324 -19.15 32.58 18.91
CA TRP C 324 -20.37 32.66 18.12
C TRP C 324 -21.10 31.33 17.97
N TYR C 325 -21.03 30.50 18.99
CA TYR C 325 -21.68 29.21 18.91
C TYR C 325 -23.20 29.34 18.90
N ASP C 326 -23.80 28.89 17.79
CA ASP C 326 -25.24 28.91 17.64
C ASP C 326 -25.69 27.47 17.76
N PRO C 327 -26.81 27.21 18.45
CA PRO C 327 -27.33 25.85 18.61
C PRO C 327 -27.85 25.29 17.29
N SER C 328 -28.59 26.11 16.56
CA SER C 328 -29.17 25.71 15.28
C SER C 328 -28.12 25.52 14.18
N GLU C 329 -26.95 26.13 14.37
CA GLU C 329 -25.88 26.02 13.37
C GLU C 329 -25.02 24.77 13.54
N ALA C 330 -24.48 24.56 14.73
CA ALA C 330 -23.64 23.39 14.98
C ALA C 330 -24.27 22.45 15.99
N GLU C 331 -25.40 21.86 15.62
CA GLU C 331 -26.14 20.90 16.45
C GLU C 331 -27.50 20.69 15.79
N ALA C 332 -27.50 20.53 14.47
CA ALA C 332 -28.72 20.35 13.70
C ALA C 332 -28.84 18.94 13.09
N PRO C 333 -30.05 18.57 12.63
CA PRO C 333 -30.35 17.28 12.01
C PRO C 333 -29.33 16.83 10.98
N PRO C 334 -28.81 15.59 11.13
CA PRO C 334 -27.81 14.90 10.31
C PRO C 334 -28.24 14.38 8.94
N PRO C 335 -27.25 14.00 8.12
CA PRO C 335 -27.33 13.45 6.75
C PRO C 335 -28.15 12.17 6.65
N LYS C 336 -29.38 12.30 6.17
CA LYS C 336 -30.27 11.15 6.00
C LYS C 336 -29.76 10.18 4.95
N ILE C 337 -28.72 9.42 5.29
CA ILE C 337 -28.18 8.44 4.35
C ILE C 337 -28.83 7.10 4.59
N PRO C 338 -29.50 6.57 3.56
CA PRO C 338 -30.17 5.27 3.67
C PRO C 338 -29.19 4.19 4.10
N ASP C 339 -28.13 4.02 3.30
CA ASP C 339 -27.10 3.03 3.54
C ASP C 339 -26.39 2.67 2.24
N LYS C 340 -25.84 3.68 1.55
CA LYS C 340 -25.12 3.46 0.29
C LYS C 340 -23.68 3.07 0.61
N GLN C 341 -23.53 2.37 1.74
CA GLN C 341 -22.26 1.88 2.24
C GLN C 341 -21.76 0.68 1.43
N LEU C 342 -22.33 0.48 0.25
CA LEU C 342 -21.89 -0.63 -0.59
C LEU C 342 -20.72 -0.11 -1.43
N ASP C 343 -20.15 1.02 -0.98
CA ASP C 343 -19.03 1.63 -1.69
C ASP C 343 -17.79 0.75 -1.62
N GLU C 344 -17.53 0.18 -0.45
CA GLU C 344 -16.36 -0.69 -0.28
C GLU C 344 -16.70 -2.08 -0.82
N ARG C 345 -17.94 -2.27 -1.24
CA ARG C 345 -18.39 -3.57 -1.78
C ARG C 345 -17.82 -3.93 -3.16
N GLU C 346 -17.88 -5.23 -3.46
CA GLU C 346 -17.38 -5.79 -4.72
C GLU C 346 -18.39 -5.67 -5.86
N HIS C 347 -18.30 -4.57 -6.61
CA HIS C 347 -19.18 -4.37 -7.75
C HIS C 347 -18.29 -4.23 -8.99
N THR C 348 -18.67 -4.92 -10.07
CA THR C 348 -17.90 -4.86 -11.30
C THR C 348 -18.03 -3.47 -11.90
N ILE C 349 -17.27 -3.22 -12.96
CA ILE C 349 -17.34 -1.94 -13.63
C ILE C 349 -18.78 -1.83 -14.14
N GLU C 350 -19.29 -2.95 -14.64
CA GLU C 350 -20.64 -3.02 -15.17
C GLU C 350 -21.67 -2.80 -14.07
N GLU C 351 -21.50 -3.52 -12.97
CA GLU C 351 -22.40 -3.39 -11.84
C GLU C 351 -22.29 -2.01 -11.23
N TRP C 352 -21.19 -1.32 -11.55
CA TRP C 352 -20.97 0.04 -11.05
C TRP C 352 -21.68 0.97 -12.02
N LYS C 353 -21.48 0.66 -13.30
CA LYS C 353 -22.09 1.39 -14.39
C LYS C 353 -23.56 1.49 -14.01
N GLU C 354 -24.07 0.42 -13.41
CA GLU C 354 -25.45 0.35 -12.96
C GLU C 354 -25.65 1.50 -11.99
N LEU C 355 -25.58 1.20 -10.70
CA LEU C 355 -25.75 2.20 -9.66
C LEU C 355 -25.43 3.56 -10.22
N ILE C 356 -24.17 3.77 -10.58
CA ILE C 356 -23.72 5.04 -11.12
C ILE C 356 -24.74 5.60 -12.09
N TYR C 357 -25.01 4.87 -13.18
CA TYR C 357 -25.97 5.31 -14.18
C TYR C 357 -27.36 5.35 -13.59
N LYS C 358 -27.84 4.22 -13.06
CA LYS C 358 -29.17 4.14 -12.47
C LYS C 358 -29.40 5.18 -11.37
N GLU C 359 -28.32 5.70 -10.78
CA GLU C 359 -28.44 6.70 -9.73
C GLU C 359 -28.69 8.03 -10.41
N VAL C 360 -27.73 8.45 -11.23
CA VAL C 360 -27.87 9.70 -11.95
C VAL C 360 -29.26 9.72 -12.58
N MET C 361 -29.77 8.53 -12.91
CA MET C 361 -31.08 8.36 -13.55
C MET C 361 -32.28 8.72 -12.67
N ASP C 362 -32.41 8.10 -11.51
CA ASP C 362 -33.53 8.43 -10.63
C ASP C 362 -33.31 9.77 -9.91
N LEU C 363 -32.53 10.64 -10.55
CA LEU C 363 -32.25 11.98 -10.03
C LEU C 363 -31.87 12.97 -11.13
N GLU C 364 -31.52 14.12 -10.75
N PRO D 2 -20.60 39.90 21.13
CA PRO D 2 -19.90 40.06 19.83
C PRO D 2 -20.85 39.61 18.73
N LYS D 3 -20.84 40.30 17.59
CA LYS D 3 -21.72 39.91 16.50
C LYS D 3 -20.99 39.69 15.17
N ARG D 4 -21.43 38.66 14.47
CA ARG D 4 -20.89 38.22 13.19
C ARG D 4 -20.62 39.28 12.13
N PRO D 5 -19.50 39.14 11.41
CA PRO D 5 -18.97 39.98 10.34
C PRO D 5 -19.76 39.94 9.04
N THR D 6 -19.40 40.85 8.11
CA THR D 6 -20.08 40.94 6.82
C THR D 6 -19.15 41.44 5.70
N THR D 7 -17.87 41.11 5.80
CA THR D 7 -16.90 41.55 4.80
C THR D 7 -16.00 40.41 4.28
N LEU D 8 -14.89 40.80 3.66
CA LEU D 8 -13.89 39.91 3.07
C LEU D 8 -13.41 40.51 1.74
N ASN D 9 -12.38 41.34 1.82
CA ASN D 9 -11.81 42.04 0.67
C ASN D 9 -11.10 41.08 -0.29
N LEU D 10 -11.88 40.34 -1.06
CA LEU D 10 -11.35 39.38 -2.01
C LEU D 10 -10.92 40.03 -3.34
N PHE D 11 -10.89 39.34 -4.38
#